data_2VQK
# 
_entry.id   2VQK 
# 
_audit_conform.dict_name       mmcif_pdbx.dic 
_audit_conform.dict_version    5.398 
_audit_conform.dict_location   http://mmcif.pdb.org/dictionaries/ascii/mmcif_pdbx.dic 
# 
loop_
_database_2.database_id 
_database_2.database_code 
_database_2.pdbx_database_accession 
_database_2.pdbx_DOI 
PDB   2VQK         pdb_00002vqk 10.2210/pdb2vqk/pdb 
PDBE  EBI-35712    ?            ?                   
WWPDB D_1290035712 ?            ?                   
# 
loop_
_pdbx_audit_revision_history.ordinal 
_pdbx_audit_revision_history.data_content_type 
_pdbx_audit_revision_history.major_revision 
_pdbx_audit_revision_history.minor_revision 
_pdbx_audit_revision_history.revision_date 
1 'Structure model' 1 0 2008-05-20 
2 'Structure model' 1 1 2011-06-02 
3 'Structure model' 1 2 2011-07-13 
4 'Structure model' 1 3 2024-11-06 
# 
_pdbx_audit_revision_details.ordinal             1 
_pdbx_audit_revision_details.revision_ordinal    1 
_pdbx_audit_revision_details.data_content_type   'Structure model' 
_pdbx_audit_revision_details.provider            repository 
_pdbx_audit_revision_details.type                'Initial release' 
_pdbx_audit_revision_details.description         ? 
_pdbx_audit_revision_details.details             ? 
# 
loop_
_pdbx_audit_revision_group.ordinal 
_pdbx_audit_revision_group.revision_ordinal 
_pdbx_audit_revision_group.data_content_type 
_pdbx_audit_revision_group.group 
1 2 'Structure model' 'Version format compliance' 
2 3 'Structure model' 'Version format compliance' 
3 4 'Structure model' 'Data collection'           
4 4 'Structure model' 'Database references'       
5 4 'Structure model' 'Derived calculations'      
6 4 'Structure model' Other                       
7 4 'Structure model' 'Structure summary'         
# 
loop_
_pdbx_audit_revision_category.ordinal 
_pdbx_audit_revision_category.revision_ordinal 
_pdbx_audit_revision_category.data_content_type 
_pdbx_audit_revision_category.category 
1  4 'Structure model' chem_comp_atom               
2  4 'Structure model' chem_comp_bond               
3  4 'Structure model' citation                     
4  4 'Structure model' database_2                   
5  4 'Structure model' pdbx_database_status         
6  4 'Structure model' pdbx_entry_details           
7  4 'Structure model' pdbx_modification_feature    
8  4 'Structure model' pdbx_struct_conn_angle       
9  4 'Structure model' pdbx_struct_special_symmetry 
10 4 'Structure model' struct_conn                  
# 
loop_
_pdbx_audit_revision_item.ordinal 
_pdbx_audit_revision_item.revision_ordinal 
_pdbx_audit_revision_item.data_content_type 
_pdbx_audit_revision_item.item 
1  4 'Structure model' '_citation.page_last'                         
2  4 'Structure model' '_database_2.pdbx_DOI'                        
3  4 'Structure model' '_database_2.pdbx_database_accession'         
4  4 'Structure model' '_pdbx_database_status.status_code_sf'        
5  4 'Structure model' '_pdbx_struct_conn_angle.ptnr1_auth_comp_id'  
6  4 'Structure model' '_pdbx_struct_conn_angle.ptnr1_auth_seq_id'   
7  4 'Structure model' '_pdbx_struct_conn_angle.ptnr1_label_asym_id' 
8  4 'Structure model' '_pdbx_struct_conn_angle.ptnr1_label_atom_id' 
9  4 'Structure model' '_pdbx_struct_conn_angle.ptnr1_label_comp_id' 
10 4 'Structure model' '_pdbx_struct_conn_angle.ptnr1_label_seq_id'  
11 4 'Structure model' '_pdbx_struct_conn_angle.ptnr1_symmetry'      
12 4 'Structure model' '_pdbx_struct_conn_angle.ptnr2_auth_seq_id'   
13 4 'Structure model' '_pdbx_struct_conn_angle.ptnr2_label_asym_id' 
14 4 'Structure model' '_pdbx_struct_conn_angle.ptnr3_auth_comp_id'  
15 4 'Structure model' '_pdbx_struct_conn_angle.ptnr3_auth_seq_id'   
16 4 'Structure model' '_pdbx_struct_conn_angle.ptnr3_label_asym_id' 
17 4 'Structure model' '_pdbx_struct_conn_angle.ptnr3_label_atom_id' 
18 4 'Structure model' '_pdbx_struct_conn_angle.ptnr3_label_comp_id' 
19 4 'Structure model' '_pdbx_struct_conn_angle.ptnr3_label_seq_id'  
20 4 'Structure model' '_pdbx_struct_conn_angle.ptnr3_symmetry'      
21 4 'Structure model' '_pdbx_struct_conn_angle.value'               
22 4 'Structure model' '_struct_conn.pdbx_dist_value'                
23 4 'Structure model' '_struct_conn.ptnr1_auth_comp_id'             
24 4 'Structure model' '_struct_conn.ptnr1_auth_seq_id'              
25 4 'Structure model' '_struct_conn.ptnr1_label_asym_id'            
26 4 'Structure model' '_struct_conn.ptnr1_label_atom_id'            
27 4 'Structure model' '_struct_conn.ptnr1_label_comp_id'            
28 4 'Structure model' '_struct_conn.ptnr1_label_seq_id'             
29 4 'Structure model' '_struct_conn.ptnr1_symmetry'                 
30 4 'Structure model' '_struct_conn.ptnr2_auth_comp_id'             
31 4 'Structure model' '_struct_conn.ptnr2_auth_seq_id'              
32 4 'Structure model' '_struct_conn.ptnr2_label_asym_id'            
33 4 'Structure model' '_struct_conn.ptnr2_label_atom_id'            
34 4 'Structure model' '_struct_conn.ptnr2_label_comp_id'            
35 4 'Structure model' '_struct_conn.ptnr2_label_seq_id'             
36 4 'Structure model' '_struct_conn.ptnr2_symmetry'                 
# 
_pdbx_database_status.status_code                     REL 
_pdbx_database_status.entry_id                        2VQK 
_pdbx_database_status.deposit_site                    PDBE 
_pdbx_database_status.process_site                    PDBE 
_pdbx_database_status.SG_entry                        . 
_pdbx_database_status.recvd_initial_deposition_date   2008-03-17 
_pdbx_database_status.pdb_format_compatible           Y 
_pdbx_database_status.status_code_sf                  REL 
_pdbx_database_status.status_code_mr                  ? 
_pdbx_database_status.status_code_cs                  ? 
_pdbx_database_status.methods_development_category    ? 
_pdbx_database_status.status_code_nmr_data            ? 
# 
loop_
_pdbx_database_related.db_name 
_pdbx_database_related.db_id 
_pdbx_database_related.content_type 
_pdbx_database_related.details 
PDB 2VQH unspecified 'CRYSTAL STRUCTURE OF PORB FROM CORYNEBACTERIUM GLUTAMICUM (CRYSTAL FORM II)'  
PDB 2VQL unspecified 'CRYSTAL STRUCTURE OF PORB FROM CORYNEBACTERIUM GLUTAMICUM (CRYSTAL FORM III)' 
PDB 2VQG unspecified 'CRYSTAL STRUCTURE OF PORB FROM CORYNEBACTERIUM GLUTAMICUM (CRYSTAL FORM I)'   
# 
loop_
_audit_author.name 
_audit_author.pdbx_ordinal 
_audit_author.identifier_ORCID 
'Ziegler, K.'  1 ? 
'Benz, R.'     2 ? 
'Schulz, G.E.' 3 ? 
# 
_citation.id                        primary 
_citation.title                     'A Putative Alpha-Helical Porin from Corynebacterium Glutamicum.' 
_citation.journal_abbrev            J.Mol.Biol. 
_citation.journal_volume            379 
_citation.page_first                482 
_citation.page_last                 491 
_citation.year                      2008 
_citation.journal_id_ASTM           JMOBAK 
_citation.country                   UK 
_citation.journal_id_ISSN           0022-2836 
_citation.journal_id_CSD            0070 
_citation.book_publisher            ? 
_citation.pdbx_database_id_PubMed   18462756 
_citation.pdbx_database_id_DOI      10.1016/J.JMB.2008.04.017 
# 
loop_
_citation_author.citation_id 
_citation_author.name 
_citation_author.ordinal 
_citation_author.identifier_ORCID 
primary 'Ziegler, K.'  1 ? 
primary 'Benz, R.'     2 ? 
primary 'Schulz, G.E.' 3 ? 
# 
loop_
_entity.id 
_entity.type 
_entity.src_method 
_entity.pdbx_description 
_entity.formula_weight 
_entity.pdbx_number_of_molecules 
_entity.pdbx_ec 
_entity.pdbx_mutation 
_entity.pdbx_fragment 
_entity.details 
1 polymer     man 'UNCHARACTERIZED PROTEIN CGL0972' 10643.550 1 ? ? 'RESIDUES 28-126' ? 
2 non-polymer syn 'CACODYLATE ION'                  136.989   3 ? ? ?                 ? 
3 non-polymer syn 'ZINC ION'                        65.409    6 ? ? ?                 ? 
# 
_entity_name_com.entity_id   1 
_entity_name_com.name        'PORB, ANION-SPECIFIC PORIN, ANION-SPECIFIC PORIN PRECURSOR' 
# 
_entity_poly.entity_id                      1 
_entity_poly.type                           'polypeptide(L)' 
_entity_poly.nstd_linkage                   no 
_entity_poly.nstd_monomer                   no 
_entity_poly.pdbx_seq_one_letter_code       
;SDFANLSSTNKELSPQYNWVACGILEGGLKAAGVLEEGQYNRELAEAIAAKGEGFWTTQFPQIGDWNEDQAAALADRAQT
CGLVKADTYLSELSSNFSS
;
_entity_poly.pdbx_seq_one_letter_code_can   
;SDFANLSSTNKELSPQYNWVACGILEGGLKAAGVLEEGQYNRELAEAIAAKGEGFWTTQFPQIGDWNEDQAAALADRAQT
CGLVKADTYLSELSSNFSS
;
_entity_poly.pdbx_strand_id                 A 
_entity_poly.pdbx_target_identifier         ? 
# 
loop_
_pdbx_entity_nonpoly.entity_id 
_pdbx_entity_nonpoly.name 
_pdbx_entity_nonpoly.comp_id 
2 'CACODYLATE ION' CAC 
3 'ZINC ION'       ZN  
# 
loop_
_entity_poly_seq.entity_id 
_entity_poly_seq.num 
_entity_poly_seq.mon_id 
_entity_poly_seq.hetero 
1 1  SER n 
1 2  ASP n 
1 3  PHE n 
1 4  ALA n 
1 5  ASN n 
1 6  LEU n 
1 7  SER n 
1 8  SER n 
1 9  THR n 
1 10 ASN n 
1 11 LYS n 
1 12 GLU n 
1 13 LEU n 
1 14 SER n 
1 15 PRO n 
1 16 GLN n 
1 17 TYR n 
1 18 ASN n 
1 19 TRP n 
1 20 VAL n 
1 21 ALA n 
1 22 CYS n 
1 23 GLY n 
1 24 ILE n 
1 25 LEU n 
1 26 GLU n 
1 27 GLY n 
1 28 GLY n 
1 29 LEU n 
1 30 LYS n 
1 31 ALA n 
1 32 ALA n 
1 33 GLY n 
1 34 VAL n 
1 35 LEU n 
1 36 GLU n 
1 37 GLU n 
1 38 GLY n 
1 39 GLN n 
1 40 TYR n 
1 41 ASN n 
1 42 ARG n 
1 43 GLU n 
1 44 LEU n 
1 45 ALA n 
1 46 GLU n 
1 47 ALA n 
1 48 ILE n 
1 49 ALA n 
1 50 ALA n 
1 51 LYS n 
1 52 GLY n 
1 53 GLU n 
1 54 GLY n 
1 55 PHE n 
1 56 TRP n 
1 57 THR n 
1 58 THR n 
1 59 GLN n 
1 60 PHE n 
1 61 PRO n 
1 62 GLN n 
1 63 ILE n 
1 64 GLY n 
1 65 ASP n 
1 66 TRP n 
1 67 ASN n 
1 68 GLU n 
1 69 ASP n 
1 70 GLN n 
1 71 ALA n 
1 72 ALA n 
1 73 ALA n 
1 74 LEU n 
1 75 ALA n 
1 76 ASP n 
1 77 ARG n 
1 78 ALA n 
1 79 GLN n 
1 80 THR n 
1 81 CYS n 
1 82 GLY n 
1 83 LEU n 
1 84 VAL n 
1 85 LYS n 
1 86 ALA n 
1 87 ASP n 
1 88 THR n 
1 89 TYR n 
1 90 LEU n 
1 91 SER n 
1 92 GLU n 
1 93 LEU n 
1 94 SER n 
1 95 SER n 
1 96 ASN n 
1 97 PHE n 
1 98 SER n 
1 99 SER n 
# 
_entity_src_gen.entity_id                          1 
_entity_src_gen.pdbx_src_id                        1 
_entity_src_gen.pdbx_alt_source_flag               sample 
_entity_src_gen.pdbx_seq_type                      ? 
_entity_src_gen.pdbx_beg_seq_num                   ? 
_entity_src_gen.pdbx_end_seq_num                   ? 
_entity_src_gen.gene_src_common_name               ? 
_entity_src_gen.gene_src_genus                     ? 
_entity_src_gen.pdbx_gene_src_gene                 ? 
_entity_src_gen.gene_src_species                   ? 
_entity_src_gen.gene_src_strain                    ? 
_entity_src_gen.gene_src_tissue                    ? 
_entity_src_gen.gene_src_tissue_fraction           ? 
_entity_src_gen.gene_src_details                   ? 
_entity_src_gen.pdbx_gene_src_fragment             ? 
_entity_src_gen.pdbx_gene_src_scientific_name      'CORYNEBACTERIUM GLUTAMICUM' 
_entity_src_gen.pdbx_gene_src_ncbi_taxonomy_id     1718 
_entity_src_gen.pdbx_gene_src_variant              ? 
_entity_src_gen.pdbx_gene_src_cell_line            ? 
_entity_src_gen.pdbx_gene_src_atcc                 13032 
_entity_src_gen.pdbx_gene_src_organ                ? 
_entity_src_gen.pdbx_gene_src_organelle            ? 
_entity_src_gen.pdbx_gene_src_cell                 ? 
_entity_src_gen.pdbx_gene_src_cellular_location    ? 
_entity_src_gen.host_org_common_name               ? 
_entity_src_gen.pdbx_host_org_scientific_name      'ESCHERICHIA COLI' 
_entity_src_gen.pdbx_host_org_ncbi_taxonomy_id     562 
_entity_src_gen.host_org_genus                     ? 
_entity_src_gen.pdbx_host_org_gene                 ? 
_entity_src_gen.pdbx_host_org_organ                ? 
_entity_src_gen.host_org_species                   ? 
_entity_src_gen.pdbx_host_org_tissue               ? 
_entity_src_gen.pdbx_host_org_tissue_fraction      ? 
_entity_src_gen.pdbx_host_org_strain               ? 
_entity_src_gen.pdbx_host_org_variant              ? 
_entity_src_gen.pdbx_host_org_cell_line            ? 
_entity_src_gen.pdbx_host_org_atcc                 ? 
_entity_src_gen.pdbx_host_org_culture_collection   ? 
_entity_src_gen.pdbx_host_org_cell                 ? 
_entity_src_gen.pdbx_host_org_organelle            ? 
_entity_src_gen.pdbx_host_org_cellular_location    ? 
_entity_src_gen.pdbx_host_org_vector_type          ? 
_entity_src_gen.pdbx_host_org_vector               ? 
_entity_src_gen.host_org_details                   ? 
_entity_src_gen.expression_system_id               ? 
_entity_src_gen.plasmid_name                       ? 
_entity_src_gen.plasmid_details                    ? 
_entity_src_gen.pdbx_description                   ? 
# 
loop_
_chem_comp.id 
_chem_comp.type 
_chem_comp.mon_nstd_flag 
_chem_comp.name 
_chem_comp.pdbx_synonyms 
_chem_comp.formula 
_chem_comp.formula_weight 
ALA 'L-peptide linking' y ALANINE          ?                'C3 H7 N O2'     89.093  
ARG 'L-peptide linking' y ARGININE         ?                'C6 H15 N4 O2 1' 175.209 
ASN 'L-peptide linking' y ASPARAGINE       ?                'C4 H8 N2 O3'    132.118 
ASP 'L-peptide linking' y 'ASPARTIC ACID'  ?                'C4 H7 N O4'     133.103 
CAC non-polymer         . 'CACODYLATE ION' dimethylarsinate 'C2 H6 As O2 -1' 136.989 
CYS 'L-peptide linking' y CYSTEINE         ?                'C3 H7 N O2 S'   121.158 
GLN 'L-peptide linking' y GLUTAMINE        ?                'C5 H10 N2 O3'   146.144 
GLU 'L-peptide linking' y 'GLUTAMIC ACID'  ?                'C5 H9 N O4'     147.129 
GLY 'peptide linking'   y GLYCINE          ?                'C2 H5 N O2'     75.067  
ILE 'L-peptide linking' y ISOLEUCINE       ?                'C6 H13 N O2'    131.173 
LEU 'L-peptide linking' y LEUCINE          ?                'C6 H13 N O2'    131.173 
LYS 'L-peptide linking' y LYSINE           ?                'C6 H15 N2 O2 1' 147.195 
PHE 'L-peptide linking' y PHENYLALANINE    ?                'C9 H11 N O2'    165.189 
PRO 'L-peptide linking' y PROLINE          ?                'C5 H9 N O2'     115.130 
SER 'L-peptide linking' y SERINE           ?                'C3 H7 N O3'     105.093 
THR 'L-peptide linking' y THREONINE        ?                'C4 H9 N O3'     119.119 
TRP 'L-peptide linking' y TRYPTOPHAN       ?                'C11 H12 N2 O2'  204.225 
TYR 'L-peptide linking' y TYROSINE         ?                'C9 H11 N O3'    181.189 
VAL 'L-peptide linking' y VALINE           ?                'C5 H11 N O2'    117.146 
ZN  non-polymer         . 'ZINC ION'       ?                'Zn 2'           65.409  
# 
loop_
_pdbx_poly_seq_scheme.asym_id 
_pdbx_poly_seq_scheme.entity_id 
_pdbx_poly_seq_scheme.seq_id 
_pdbx_poly_seq_scheme.mon_id 
_pdbx_poly_seq_scheme.ndb_seq_num 
_pdbx_poly_seq_scheme.pdb_seq_num 
_pdbx_poly_seq_scheme.auth_seq_num 
_pdbx_poly_seq_scheme.pdb_mon_id 
_pdbx_poly_seq_scheme.auth_mon_id 
_pdbx_poly_seq_scheme.pdb_strand_id 
_pdbx_poly_seq_scheme.pdb_ins_code 
_pdbx_poly_seq_scheme.hetero 
A 1 1  SER 1  1  ?  ?   ?   A . n 
A 1 2  ASP 2  2  ?  ?   ?   A . n 
A 1 3  PHE 3  3  ?  ?   ?   A . n 
A 1 4  ALA 4  4  ?  ?   ?   A . n 
A 1 5  ASN 5  5  ?  ?   ?   A . n 
A 1 6  LEU 6  6  ?  ?   ?   A . n 
A 1 7  SER 7  7  ?  ?   ?   A . n 
A 1 8  SER 8  8  ?  ?   ?   A . n 
A 1 9  THR 9  9  ?  ?   ?   A . n 
A 1 10 ASN 10 10 ?  ?   ?   A . n 
A 1 11 LYS 11 11 ?  ?   ?   A . n 
A 1 12 GLU 12 12 ?  ?   ?   A . n 
A 1 13 LEU 13 13 ?  ?   ?   A . n 
A 1 14 SER 14 14 ?  ?   ?   A . n 
A 1 15 PRO 15 15 ?  ?   ?   A . n 
A 1 16 GLN 16 16 ?  ?   ?   A . n 
A 1 17 TYR 17 17 ?  ?   ?   A . n 
A 1 18 ASN 18 18 18 ASN ASN A . n 
A 1 19 TRP 19 19 19 TRP TRP A . n 
A 1 20 VAL 20 20 20 VAL VAL A . n 
A 1 21 ALA 21 21 21 ALA ALA A . n 
A 1 22 CYS 22 22 22 CYS CYS A . n 
A 1 23 GLY 23 23 23 GLY GLY A . n 
A 1 24 ILE 24 24 24 ILE ILE A . n 
A 1 25 LEU 25 25 25 LEU LEU A . n 
A 1 26 GLU 26 26 26 GLU GLU A . n 
A 1 27 GLY 27 27 27 GLY GLY A . n 
A 1 28 GLY 28 28 28 GLY GLY A . n 
A 1 29 LEU 29 29 29 LEU LEU A . n 
A 1 30 LYS 30 30 30 LYS LYS A . n 
A 1 31 ALA 31 31 31 ALA ALA A . n 
A 1 32 ALA 32 32 32 ALA ALA A . n 
A 1 33 GLY 33 33 33 GLY GLY A . n 
A 1 34 VAL 34 34 34 VAL VAL A . n 
A 1 35 LEU 35 35 35 LEU LEU A . n 
A 1 36 GLU 36 36 36 GLU GLU A . n 
A 1 37 GLU 37 37 37 GLU GLU A . n 
A 1 38 GLY 38 38 38 GLY GLY A . n 
A 1 39 GLN 39 39 39 GLN GLN A . n 
A 1 40 TYR 40 40 40 TYR TYR A . n 
A 1 41 ASN 41 41 41 ASN ASN A . n 
A 1 42 ARG 42 42 42 ARG ARG A . n 
A 1 43 GLU 43 43 43 GLU GLU A . n 
A 1 44 LEU 44 44 44 LEU LEU A . n 
A 1 45 ALA 45 45 45 ALA ALA A . n 
A 1 46 GLU 46 46 46 GLU GLU A . n 
A 1 47 ALA 47 47 47 ALA ALA A . n 
A 1 48 ILE 48 48 48 ILE ILE A . n 
A 1 49 ALA 49 49 49 ALA ALA A . n 
A 1 50 ALA 50 50 50 ALA ALA A . n 
A 1 51 LYS 51 51 51 LYS LYS A . n 
A 1 52 GLY 52 52 52 GLY GLY A . n 
A 1 53 GLU 53 53 53 GLU GLU A . n 
A 1 54 GLY 54 54 54 GLY GLY A . n 
A 1 55 PHE 55 55 55 PHE PHE A . n 
A 1 56 TRP 56 56 56 TRP TRP A . n 
A 1 57 THR 57 57 57 THR THR A . n 
A 1 58 THR 58 58 58 THR THR A . n 
A 1 59 GLN 59 59 59 GLN GLN A . n 
A 1 60 PHE 60 60 60 PHE PHE A . n 
A 1 61 PRO 61 61 61 PRO PRO A . n 
A 1 62 GLN 62 62 62 GLN GLN A . n 
A 1 63 ILE 63 63 63 ILE ILE A . n 
A 1 64 GLY 64 64 64 GLY GLY A . n 
A 1 65 ASP 65 65 65 ASP ASP A . n 
A 1 66 TRP 66 66 66 TRP TRP A . n 
A 1 67 ASN 67 67 67 ASN ASN A . n 
A 1 68 GLU 68 68 68 GLU GLU A . n 
A 1 69 ASP 69 69 69 ASP ASP A . n 
A 1 70 GLN 70 70 70 GLN GLN A . n 
A 1 71 ALA 71 71 71 ALA ALA A . n 
A 1 72 ALA 72 72 72 ALA ALA A . n 
A 1 73 ALA 73 73 73 ALA ALA A . n 
A 1 74 LEU 74 74 74 LEU LEU A . n 
A 1 75 ALA 75 75 75 ALA ALA A . n 
A 1 76 ASP 76 76 76 ASP ASP A . n 
A 1 77 ARG 77 77 77 ARG ARG A . n 
A 1 78 ALA 78 78 78 ALA ALA A . n 
A 1 79 GLN 79 79 79 GLN GLN A . n 
A 1 80 THR 80 80 80 THR THR A . n 
A 1 81 CYS 81 81 81 CYS CYS A . n 
A 1 82 GLY 82 82 82 GLY GLY A . n 
A 1 83 LEU 83 83 83 LEU LEU A . n 
A 1 84 VAL 84 84 84 VAL VAL A . n 
A 1 85 LYS 85 85 85 LYS LYS A . n 
A 1 86 ALA 86 86 86 ALA ALA A . n 
A 1 87 ASP 87 87 87 ASP ASP A . n 
A 1 88 THR 88 88 88 THR THR A . n 
A 1 89 TYR 89 89 89 TYR TYR A . n 
A 1 90 LEU 90 90 ?  ?   ?   A . n 
A 1 91 SER 91 91 ?  ?   ?   A . n 
A 1 92 GLU 92 92 ?  ?   ?   A . n 
A 1 93 LEU 93 93 ?  ?   ?   A . n 
A 1 94 SER 94 94 ?  ?   ?   A . n 
A 1 95 SER 95 95 ?  ?   ?   A . n 
A 1 96 ASN 96 96 ?  ?   ?   A . n 
A 1 97 PHE 97 97 ?  ?   ?   A . n 
A 1 98 SER 98 98 ?  ?   ?   A . n 
A 1 99 SER 99 99 ?  ?   ?   A . n 
# 
loop_
_pdbx_nonpoly_scheme.asym_id 
_pdbx_nonpoly_scheme.entity_id 
_pdbx_nonpoly_scheme.mon_id 
_pdbx_nonpoly_scheme.ndb_seq_num 
_pdbx_nonpoly_scheme.pdb_seq_num 
_pdbx_nonpoly_scheme.auth_seq_num 
_pdbx_nonpoly_scheme.pdb_mon_id 
_pdbx_nonpoly_scheme.auth_mon_id 
_pdbx_nonpoly_scheme.pdb_strand_id 
_pdbx_nonpoly_scheme.pdb_ins_code 
B 2 CAC 1 1090 1090 CAC CAC A . 
C 2 CAC 1 1091 1091 CAC CAC A . 
D 2 CAC 1 1092 1092 CAC CAC A . 
E 3 ZN  1 1093 1093 ZN  ZN  A . 
F 3 ZN  1 1094 1094 ZN  ZN  A . 
G 3 ZN  1 1095 1095 ZN  ZN  A . 
H 3 ZN  1 1096 1096 ZN  ZN  A . 
I 3 ZN  1 1097 1097 ZN  ZN  A . 
J 3 ZN  1 1098 1098 ZN  ZN  A . 
# 
loop_
_pdbx_unobs_or_zero_occ_atoms.id 
_pdbx_unobs_or_zero_occ_atoms.PDB_model_num 
_pdbx_unobs_or_zero_occ_atoms.polymer_flag 
_pdbx_unobs_or_zero_occ_atoms.occupancy_flag 
_pdbx_unobs_or_zero_occ_atoms.auth_asym_id 
_pdbx_unobs_or_zero_occ_atoms.auth_comp_id 
_pdbx_unobs_or_zero_occ_atoms.auth_seq_id 
_pdbx_unobs_or_zero_occ_atoms.PDB_ins_code 
_pdbx_unobs_or_zero_occ_atoms.auth_atom_id 
_pdbx_unobs_or_zero_occ_atoms.label_alt_id 
_pdbx_unobs_or_zero_occ_atoms.label_asym_id 
_pdbx_unobs_or_zero_occ_atoms.label_comp_id 
_pdbx_unobs_or_zero_occ_atoms.label_seq_id 
_pdbx_unobs_or_zero_occ_atoms.label_atom_id 
1  1 Y 1 A TYR 89 ? CA  ? A TYR 89 CA  
2  1 Y 1 A TYR 89 ? C   ? A TYR 89 C   
3  1 Y 1 A TYR 89 ? O   ? A TYR 89 O   
4  1 Y 1 A TYR 89 ? CB  ? A TYR 89 CB  
5  1 Y 1 A TYR 89 ? CG  ? A TYR 89 CG  
6  1 Y 1 A TYR 89 ? CD1 ? A TYR 89 CD1 
7  1 Y 1 A TYR 89 ? CD2 ? A TYR 89 CD2 
8  1 Y 1 A TYR 89 ? CE1 ? A TYR 89 CE1 
9  1 Y 1 A TYR 89 ? CE2 ? A TYR 89 CE2 
10 1 Y 1 A TYR 89 ? CZ  ? A TYR 89 CZ  
11 1 Y 1 A TYR 89 ? OH  ? A TYR 89 OH  
# 
_software.name             CNS 
_software.classification   refinement 
_software.version          1.1 
_software.citation_id      ? 
_software.pdbx_ordinal     1 
_software.date             ? 
_software.type             ? 
_software.location         ? 
_software.language         ? 
# 
_cell.entry_id           2VQK 
_cell.length_a           81.370 
_cell.length_b           81.370 
_cell.length_c           80.140 
_cell.angle_alpha        90.00 
_cell.angle_beta         90.00 
_cell.angle_gamma        120.00 
_cell.Z_PDB              12 
_cell.pdbx_unique_axis   ? 
# 
_symmetry.entry_id                         2VQK 
_symmetry.space_group_name_H-M             'P 64 2 2' 
_symmetry.pdbx_full_space_group_name_H-M   ? 
_symmetry.cell_setting                     ? 
_symmetry.Int_Tables_number                181 
# 
_exptl.entry_id          2VQK 
_exptl.method            'X-RAY DIFFRACTION' 
_exptl.crystals_number   ? 
# 
_exptl_crystal.id                    1 
_exptl_crystal.density_meas          ? 
_exptl_crystal.density_Matthews      3.51 
_exptl_crystal.density_percent_sol   64.95 
_exptl_crystal.description           NONE 
# 
_diffrn.id                     1 
_diffrn.ambient_temp           100 
_diffrn.ambient_temp_details   ? 
_diffrn.crystal_id             1 
# 
_diffrn_radiation.diffrn_id                        1 
_diffrn_radiation.wavelength_id                    1 
_diffrn_radiation.pdbx_monochromatic_or_laue_m_l   M 
_diffrn_radiation.monochromator                    ? 
_diffrn_radiation.pdbx_diffrn_protocol             'SINGLE WAVELENGTH' 
_diffrn_radiation.pdbx_scattering_type             x-ray 
# 
_diffrn_radiation_wavelength.id           1 
_diffrn_radiation_wavelength.wavelength   1.072 
_diffrn_radiation_wavelength.wt           1.0 
# 
_diffrn_source.diffrn_id                   1 
_diffrn_source.source                      SYNCHROTRON 
_diffrn_source.type                        SLS 
_diffrn_source.pdbx_synchrotron_site       SLS 
_diffrn_source.pdbx_synchrotron_beamline   ? 
_diffrn_source.pdbx_wavelength             1.072 
_diffrn_source.pdbx_wavelength_list        ? 
# 
_reflns.pdbx_diffrn_id               1 
_reflns.pdbx_ordinal                 1 
_reflns.entry_id                     2VQK 
_reflns.observed_criterion_sigma_I   3.0 
_reflns.observed_criterion_sigma_F   ? 
_reflns.d_resolution_low             52.705 
_reflns.d_resolution_high            4.20 
_reflns.number_obs                   1307 
_reflns.number_all                   ? 
_reflns.percent_possible_obs         99.6 
_reflns.pdbx_Rmerge_I_obs            ? 
_reflns.pdbx_Rsym_value              0.12 
_reflns.pdbx_netI_over_sigmaI        16.30 
_reflns.B_iso_Wilson_estimate        ? 
_reflns.pdbx_redundancy              18.7 
_reflns.pdbx_CC_half                 ? 
_reflns.pdbx_Rpim_I_all              ? 
_reflns.pdbx_Rrim_I_all              ? 
# 
_reflns_shell.pdbx_diffrn_id         1 
_reflns_shell.pdbx_ordinal           1 
_reflns_shell.d_res_high             . 
_reflns_shell.d_res_low              ? 
_reflns_shell.percent_possible_all   100.0 
_reflns_shell.Rmerge_I_obs           ? 
_reflns_shell.pdbx_Rsym_value        0.55 
_reflns_shell.meanI_over_sigI_obs    6.90 
_reflns_shell.pdbx_redundancy        20.3 
_reflns_shell.number_measured_obs    ? 
_reflns_shell.number_unique_all      ? 
_reflns_shell.number_unique_obs      ? 
_reflns_shell.pdbx_CC_half           ? 
_reflns_shell.pdbx_Rpim_I_all        ? 
_reflns_shell.pdbx_Rrim_I_all        ? 
# 
_refine.pdbx_refine_id                           'X-RAY DIFFRACTION' 
_refine.entry_id                                 2VQK 
_refine.pdbx_diffrn_id                           1 
_refine.pdbx_TLS_residual_ADP_flag               ? 
_refine.ls_number_reflns_obs                     1307 
_refine.ls_number_reflns_all                     ? 
_refine.pdbx_ls_sigma_I                          ? 
_refine.pdbx_ls_sigma_F                          0.0 
_refine.pdbx_data_cutoff_high_absF               10000 
_refine.pdbx_data_cutoff_low_absF                ? 
_refine.pdbx_data_cutoff_high_rms_absF           ? 
_refine.ls_d_res_low                             52.705 
_refine.ls_d_res_high                            4.20 
_refine.ls_percent_reflns_obs                    98.9 
_refine.ls_R_factor_obs                          0.4186 
_refine.ls_R_factor_all                          ? 
_refine.ls_R_factor_R_work                       0.4186 
_refine.ls_R_factor_R_free                       ? 
_refine.ls_R_factor_R_free_error                 ? 
_refine.ls_R_factor_R_free_error_details         ? 
_refine.ls_percent_reflns_R_free                 ? 
_refine.ls_number_reflns_R_free                  ? 
_refine.ls_number_parameters                     ? 
_refine.ls_number_restraints                     ? 
_refine.occupancy_min                            ? 
_refine.occupancy_max                            ? 
_refine.correlation_coeff_Fo_to_Fc               ? 
_refine.correlation_coeff_Fo_to_Fc_free          ? 
_refine.B_iso_mean                               ? 
_refine.aniso_B[1][1]                            0.019 
_refine.aniso_B[2][2]                            0.019 
_refine.aniso_B[3][3]                            -0.038 
_refine.aniso_B[1][2]                            5.286 
_refine.aniso_B[1][3]                            0.000 
_refine.aniso_B[2][3]                            0.000 
_refine.solvent_model_details                    ? 
_refine.solvent_model_param_ksol                 0.386603 
_refine.solvent_model_param_bsol                 87.137 
_refine.pdbx_solvent_vdw_probe_radii             ? 
_refine.pdbx_solvent_ion_probe_radii             ? 
_refine.pdbx_solvent_shrinkage_radii             ? 
_refine.pdbx_ls_cross_valid_method               THROUGHOUT 
_refine.details                                  ? 
_refine.pdbx_starting_model                      ? 
_refine.pdbx_method_to_determine_struct          'MOLECULAR REPLACEMENT' 
_refine.pdbx_isotropic_thermal_model             ? 
_refine.pdbx_stereochemistry_target_values       ? 
_refine.pdbx_stereochem_target_val_spec_case     ? 
_refine.pdbx_R_Free_selection_details            ? 
_refine.pdbx_overall_ESU_R                       ? 
_refine.pdbx_overall_ESU_R_Free                  ? 
_refine.overall_SU_ML                            ? 
_refine.pdbx_overall_phase_error                 ? 
_refine.overall_SU_B                             ? 
_refine.overall_SU_R_Cruickshank_DPI             ? 
_refine.pdbx_overall_SU_R_free_Cruickshank_DPI   ? 
_refine.pdbx_overall_SU_R_Blow_DPI               ? 
_refine.pdbx_overall_SU_R_free_Blow_DPI          ? 
# 
_refine_hist.pdbx_refine_id                   'X-RAY DIFFRACTION' 
_refine_hist.cycle_id                         LAST 
_refine_hist.pdbx_number_atoms_protein        531 
_refine_hist.pdbx_number_atoms_nucleic_acid   0 
_refine_hist.pdbx_number_atoms_ligand         21 
_refine_hist.number_atoms_solvent             0 
_refine_hist.number_atoms_total               552 
_refine_hist.d_res_high                       4.20 
_refine_hist.d_res_low                        52.705 
# 
loop_
_refine_ls_restr.type 
_refine_ls_restr.dev_ideal 
_refine_ls_restr.dev_ideal_target 
_refine_ls_restr.weight 
_refine_ls_restr.number 
_refine_ls_restr.pdbx_refine_id 
_refine_ls_restr.pdbx_restraint_function 
c_bond_d                0.016 ? ? ? 'X-RAY DIFFRACTION' ? 
c_bond_d_na             ?     ? ? ? 'X-RAY DIFFRACTION' ? 
c_bond_d_prot           ?     ? ? ? 'X-RAY DIFFRACTION' ? 
c_angle_d               ?     ? ? ? 'X-RAY DIFFRACTION' ? 
c_angle_d_na            ?     ? ? ? 'X-RAY DIFFRACTION' ? 
c_angle_d_prot          ?     ? ? ? 'X-RAY DIFFRACTION' ? 
c_angle_deg             1.12  ? ? ? 'X-RAY DIFFRACTION' ? 
c_angle_deg_na          ?     ? ? ? 'X-RAY DIFFRACTION' ? 
c_angle_deg_prot        ?     ? ? ? 'X-RAY DIFFRACTION' ? 
c_dihedral_angle_d      ?     ? ? ? 'X-RAY DIFFRACTION' ? 
c_dihedral_angle_d_na   ?     ? ? ? 'X-RAY DIFFRACTION' ? 
c_dihedral_angle_d_prot ?     ? ? ? 'X-RAY DIFFRACTION' ? 
c_improper_angle_d      ?     ? ? ? 'X-RAY DIFFRACTION' ? 
c_improper_angle_d_na   ?     ? ? ? 'X-RAY DIFFRACTION' ? 
c_improper_angle_d_prot ?     ? ? ? 'X-RAY DIFFRACTION' ? 
c_mcbond_it             ?     ? ? ? 'X-RAY DIFFRACTION' ? 
c_mcangle_it            ?     ? ? ? 'X-RAY DIFFRACTION' ? 
c_scbond_it             ?     ? ? ? 'X-RAY DIFFRACTION' ? 
c_scangle_it            ?     ? ? ? 'X-RAY DIFFRACTION' ? 
# 
loop_
_pdbx_xplor_file.pdbx_refine_id 
_pdbx_xplor_file.serial_no 
_pdbx_xplor_file.param_file 
_pdbx_xplor_file.topol_file 
'X-RAY DIFFRACTION' 1 PROTEIN_REP.PARAM      ? 
'X-RAY DIFFRACTION' 2 ION.PARAM              ? 
'X-RAY DIFFRACTION' 3 CACPARAMETERFILE.PARAM ? 
# 
_struct.entry_id                  2VQK 
_struct.title                     'Crystal structure of PorB from Corynebacterium glutamicum (crystal form IV)' 
_struct.pdbx_model_details        ? 
_struct.pdbx_CASP_flag            ? 
_struct.pdbx_model_type_details   ? 
# 
_struct_keywords.entry_id        2VQK 
_struct_keywords.pdbx_keywords   'MEMBRANE PROTEIN' 
_struct_keywords.text            'TRANSMEMBRANE, MEMBRANE PROTEIN, PORIN, MEMBRANE, TRANSPORT, ION TRANSPORT' 
# 
loop_
_struct_asym.id 
_struct_asym.pdbx_blank_PDB_chainid_flag 
_struct_asym.pdbx_modified 
_struct_asym.entity_id 
_struct_asym.details 
A N N 1 ? 
B N N 2 ? 
C N N 2 ? 
D N N 2 ? 
E N N 3 ? 
F N N 3 ? 
G N N 3 ? 
H N N 3 ? 
I N N 3 ? 
J N N 3 ? 
# 
_struct_ref.id                         1 
_struct_ref.db_name                    UNP 
_struct_ref.db_code                    Q8NRS3_CORGL 
_struct_ref.entity_id                  1 
_struct_ref.pdbx_seq_one_letter_code   ? 
_struct_ref.pdbx_align_begin           ? 
_struct_ref.pdbx_db_accession          Q8NRS3 
_struct_ref.pdbx_db_isoform            ? 
# 
_struct_ref_seq.align_id                      1 
_struct_ref_seq.ref_id                        1 
_struct_ref_seq.pdbx_PDB_id_code              2VQK 
_struct_ref_seq.pdbx_strand_id                A 
_struct_ref_seq.seq_align_beg                 1 
_struct_ref_seq.pdbx_seq_align_beg_ins_code   ? 
_struct_ref_seq.seq_align_end                 99 
_struct_ref_seq.pdbx_seq_align_end_ins_code   ? 
_struct_ref_seq.pdbx_db_accession             Q8NRS3 
_struct_ref_seq.db_align_beg                  28 
_struct_ref_seq.pdbx_db_align_beg_ins_code    ? 
_struct_ref_seq.db_align_end                  126 
_struct_ref_seq.pdbx_db_align_end_ins_code    ? 
_struct_ref_seq.pdbx_auth_seq_align_beg       1 
_struct_ref_seq.pdbx_auth_seq_align_end       99 
# 
_pdbx_struct_assembly.id                   1 
_pdbx_struct_assembly.details              author_and_software_defined_assembly 
_pdbx_struct_assembly.method_details       PQS 
_pdbx_struct_assembly.oligomeric_details   monomeric 
_pdbx_struct_assembly.oligomeric_count     1 
# 
_pdbx_struct_assembly_gen.assembly_id       1 
_pdbx_struct_assembly_gen.oper_expression   1 
_pdbx_struct_assembly_gen.asym_id_list      A,B,C,D,E,F,G,H,I,J 
# 
_pdbx_struct_oper_list.id                   1 
_pdbx_struct_oper_list.type                 'identity operation' 
_pdbx_struct_oper_list.name                 1_555 
_pdbx_struct_oper_list.symmetry_operation   x,y,z 
_pdbx_struct_oper_list.matrix[1][1]         1.0000000000 
_pdbx_struct_oper_list.matrix[1][2]         0.0000000000 
_pdbx_struct_oper_list.matrix[1][3]         0.0000000000 
_pdbx_struct_oper_list.vector[1]            0.0000000000 
_pdbx_struct_oper_list.matrix[2][1]         0.0000000000 
_pdbx_struct_oper_list.matrix[2][2]         1.0000000000 
_pdbx_struct_oper_list.matrix[2][3]         0.0000000000 
_pdbx_struct_oper_list.vector[2]            0.0000000000 
_pdbx_struct_oper_list.matrix[3][1]         0.0000000000 
_pdbx_struct_oper_list.matrix[3][2]         0.0000000000 
_pdbx_struct_oper_list.matrix[3][3]         1.0000000000 
_pdbx_struct_oper_list.vector[3]            0.0000000000 
# 
loop_
_struct_conf.conf_type_id 
_struct_conf.id 
_struct_conf.pdbx_PDB_helix_id 
_struct_conf.beg_label_comp_id 
_struct_conf.beg_label_asym_id 
_struct_conf.beg_label_seq_id 
_struct_conf.pdbx_beg_PDB_ins_code 
_struct_conf.end_label_comp_id 
_struct_conf.end_label_asym_id 
_struct_conf.end_label_seq_id 
_struct_conf.pdbx_end_PDB_ins_code 
_struct_conf.beg_auth_comp_id 
_struct_conf.beg_auth_asym_id 
_struct_conf.beg_auth_seq_id 
_struct_conf.end_auth_comp_id 
_struct_conf.end_auth_asym_id 
_struct_conf.end_auth_seq_id 
_struct_conf.pdbx_PDB_helix_class 
_struct_conf.details 
_struct_conf.pdbx_PDB_helix_length 
HELX_P HELX_P1 1 TRP A 19 ? ALA A 32 ? TRP A 19 ALA A 32 1 ? 14 
HELX_P HELX_P2 2 ASN A 41 ? GLY A 52 ? ASN A 41 GLY A 52 1 ? 12 
HELX_P HELX_P3 3 PHE A 55 ? GLN A 59 ? PHE A 55 GLN A 59 1 ? 5  
HELX_P HELX_P4 4 PRO A 61 ? CYS A 81 ? PRO A 61 CYS A 81 1 ? 21 
# 
_struct_conf_type.id          HELX_P 
_struct_conf_type.criteria    ? 
_struct_conf_type.reference   ? 
# 
loop_
_struct_conn.id 
_struct_conn.conn_type_id 
_struct_conn.pdbx_leaving_atom_flag 
_struct_conn.pdbx_PDB_id 
_struct_conn.ptnr1_label_asym_id 
_struct_conn.ptnr1_label_comp_id 
_struct_conn.ptnr1_label_seq_id 
_struct_conn.ptnr1_label_atom_id 
_struct_conn.pdbx_ptnr1_label_alt_id 
_struct_conn.pdbx_ptnr1_PDB_ins_code 
_struct_conn.pdbx_ptnr1_standard_comp_id 
_struct_conn.ptnr1_symmetry 
_struct_conn.ptnr2_label_asym_id 
_struct_conn.ptnr2_label_comp_id 
_struct_conn.ptnr2_label_seq_id 
_struct_conn.ptnr2_label_atom_id 
_struct_conn.pdbx_ptnr2_label_alt_id 
_struct_conn.pdbx_ptnr2_PDB_ins_code 
_struct_conn.ptnr1_auth_asym_id 
_struct_conn.ptnr1_auth_comp_id 
_struct_conn.ptnr1_auth_seq_id 
_struct_conn.ptnr2_auth_asym_id 
_struct_conn.ptnr2_auth_comp_id 
_struct_conn.ptnr2_auth_seq_id 
_struct_conn.ptnr2_symmetry 
_struct_conn.pdbx_ptnr3_label_atom_id 
_struct_conn.pdbx_ptnr3_label_seq_id 
_struct_conn.pdbx_ptnr3_label_comp_id 
_struct_conn.pdbx_ptnr3_label_asym_id 
_struct_conn.pdbx_ptnr3_label_alt_id 
_struct_conn.pdbx_ptnr3_PDB_ins_code 
_struct_conn.details 
_struct_conn.pdbx_dist_value 
_struct_conn.pdbx_value_order 
_struct_conn.pdbx_role 
disulf1  disulf ? ? A CYS 22 SG  ? ? ? 1_555  A CYS 81 SG ? ? A CYS 22   A CYS 81   1_555 ? ? ? ? ? ? ? 2.017 ? ? 
metalc1  metalc ? ? A GLU 26 OE2 ? ? ? 1_555  F ZN  .  ZN ? ? A GLU 26   A ZN  1094 1_555 ? ? ? ? ? ? ? 2.002 ? ? 
metalc2  metalc ? ? A GLU 26 OE2 ? ? ? 4_545  F ZN  .  ZN ? ? A GLU 26   A ZN  1094 1_555 ? ? ? ? ? ? ? 1.991 ? ? 
metalc3  metalc ? ? A GLU 37 OE1 ? ? ? 4_545  G ZN  .  ZN ? ? A GLU 37   A ZN  1095 1_555 ? ? ? ? ? ? ? 1.951 ? ? 
metalc4  metalc ? ? A GLU 37 OE1 ? ? ? 1_555  G ZN  .  ZN ? ? A GLU 37   A ZN  1095 1_555 ? ? ? ? ? ? ? 2.072 ? ? 
metalc5  metalc ? ? A GLN 62 OE1 ? ? ? 1_555  I ZN  .  ZN ? ? A GLN 62   A ZN  1097 1_555 ? ? ? ? ? ? ? 2.291 ? ? 
metalc6  metalc ? ? A ASP 69 OD2 ? ? ? 10_555 H ZN  .  ZN ? ? A ASP 69   A ZN  1096 1_555 ? ? ? ? ? ? ? 2.301 ? ? 
metalc7  metalc ? ? A ASP 76 OD2 ? ? ? 1_555  E ZN  .  ZN ? ? A ASP 76   A ZN  1093 1_555 ? ? ? ? ? ? ? 2.014 ? ? 
metalc8  metalc ? ? C CAC .  O2  ? ? ? 1_555  F ZN  .  ZN ? ? A CAC 1091 A ZN  1094 1_555 ? ? ? ? ? ? ? 2.170 ? ? 
metalc9  metalc ? ? C CAC .  O2  ? ? ? 4_545  F ZN  .  ZN ? ? A CAC 1091 A ZN  1094 1_555 ? ? ? ? ? ? ? 2.346 ? ? 
metalc10 metalc ? ? C CAC .  O1  ? ? ? 4_545  G ZN  .  ZN ? ? A CAC 1091 A ZN  1095 1_555 ? ? ? ? ? ? ? 2.468 ? ? 
metalc11 metalc ? ? C CAC .  O1  ? ? ? 1_555  G ZN  .  ZN ? ? A CAC 1091 A ZN  1095 1_555 ? ? ? ? ? ? ? 2.401 ? ? 
metalc12 metalc ? ? D CAC .  O1  ? ? ? 1_555  E ZN  .  ZN ? ? A CAC 1092 A ZN  1093 1_555 ? ? ? ? ? ? ? 2.171 ? ? 
metalc13 metalc ? ? D CAC .  O2  ? ? ? 10_555 E ZN  .  ZN ? ? A CAC 1092 A ZN  1093 1_555 ? ? ? ? ? ? ? 2.414 ? ? 
# 
loop_
_struct_conn_type.id 
_struct_conn_type.criteria 
_struct_conn_type.reference 
disulf ? ? 
metalc ? ? 
# 
loop_
_pdbx_struct_conn_angle.id 
_pdbx_struct_conn_angle.ptnr1_label_atom_id 
_pdbx_struct_conn_angle.ptnr1_label_alt_id 
_pdbx_struct_conn_angle.ptnr1_label_asym_id 
_pdbx_struct_conn_angle.ptnr1_label_comp_id 
_pdbx_struct_conn_angle.ptnr1_label_seq_id 
_pdbx_struct_conn_angle.ptnr1_auth_atom_id 
_pdbx_struct_conn_angle.ptnr1_auth_asym_id 
_pdbx_struct_conn_angle.ptnr1_auth_comp_id 
_pdbx_struct_conn_angle.ptnr1_auth_seq_id 
_pdbx_struct_conn_angle.ptnr1_PDB_ins_code 
_pdbx_struct_conn_angle.ptnr1_symmetry 
_pdbx_struct_conn_angle.ptnr2_label_atom_id 
_pdbx_struct_conn_angle.ptnr2_label_alt_id 
_pdbx_struct_conn_angle.ptnr2_label_asym_id 
_pdbx_struct_conn_angle.ptnr2_label_comp_id 
_pdbx_struct_conn_angle.ptnr2_label_seq_id 
_pdbx_struct_conn_angle.ptnr2_auth_atom_id 
_pdbx_struct_conn_angle.ptnr2_auth_asym_id 
_pdbx_struct_conn_angle.ptnr2_auth_comp_id 
_pdbx_struct_conn_angle.ptnr2_auth_seq_id 
_pdbx_struct_conn_angle.ptnr2_PDB_ins_code 
_pdbx_struct_conn_angle.ptnr2_symmetry 
_pdbx_struct_conn_angle.ptnr3_label_atom_id 
_pdbx_struct_conn_angle.ptnr3_label_alt_id 
_pdbx_struct_conn_angle.ptnr3_label_asym_id 
_pdbx_struct_conn_angle.ptnr3_label_comp_id 
_pdbx_struct_conn_angle.ptnr3_label_seq_id 
_pdbx_struct_conn_angle.ptnr3_auth_atom_id 
_pdbx_struct_conn_angle.ptnr3_auth_asym_id 
_pdbx_struct_conn_angle.ptnr3_auth_comp_id 
_pdbx_struct_conn_angle.ptnr3_auth_seq_id 
_pdbx_struct_conn_angle.ptnr3_PDB_ins_code 
_pdbx_struct_conn_angle.ptnr3_symmetry 
_pdbx_struct_conn_angle.value 
_pdbx_struct_conn_angle.value_esd 
1  OE2 ? A GLU 26 ? A GLU 26   ? 1_555 ZN ? F ZN . ? A ZN 1094 ? 1_555 OE2 ? A GLU 26 ? A GLU 26   ? 4_545  72.4  ? 
2  OE2 ? A GLU 26 ? A GLU 26   ? 1_555 ZN ? F ZN . ? A ZN 1094 ? 1_555 O2  ? C CAC .  ? A CAC 1091 ? 1_555  129.9 ? 
3  OE2 ? A GLU 26 ? A GLU 26   ? 4_545 ZN ? F ZN . ? A ZN 1094 ? 1_555 O2  ? C CAC .  ? A CAC 1091 ? 1_555  126.7 ? 
4  OE2 ? A GLU 26 ? A GLU 26   ? 1_555 ZN ? F ZN . ? A ZN 1094 ? 1_555 O2  ? C CAC .  ? A CAC 1091 ? 4_545  117.4 ? 
5  OE2 ? A GLU 26 ? A GLU 26   ? 4_545 ZN ? F ZN . ? A ZN 1094 ? 1_555 O2  ? C CAC .  ? A CAC 1091 ? 4_545  121.1 ? 
6  O2  ? C CAC .  ? A CAC 1091 ? 1_555 ZN ? F ZN . ? A ZN 1094 ? 1_555 O2  ? C CAC .  ? A CAC 1091 ? 4_545  92.6  ? 
7  OE1 ? A GLU 37 ? A GLU 37   ? 4_545 ZN ? G ZN . ? A ZN 1095 ? 1_555 OE1 ? A GLU 37 ? A GLU 37   ? 1_555  106.9 ? 
8  OE1 ? A GLU 37 ? A GLU 37   ? 4_545 ZN ? G ZN . ? A ZN 1095 ? 1_555 O1  ? C CAC .  ? A CAC 1091 ? 4_545  78.1  ? 
9  OE1 ? A GLU 37 ? A GLU 37   ? 1_555 ZN ? G ZN . ? A ZN 1095 ? 1_555 O1  ? C CAC .  ? A CAC 1091 ? 4_545  120.5 ? 
10 OE1 ? A GLU 37 ? A GLU 37   ? 4_545 ZN ? G ZN . ? A ZN 1095 ? 1_555 O1  ? C CAC .  ? A CAC 1091 ? 1_555  129.8 ? 
11 OE1 ? A GLU 37 ? A GLU 37   ? 1_555 ZN ? G ZN . ? A ZN 1095 ? 1_555 O1  ? C CAC .  ? A CAC 1091 ? 1_555  77.6  ? 
12 O1  ? C CAC .  ? A CAC 1091 ? 4_545 ZN ? G ZN . ? A ZN 1095 ? 1_555 O1  ? C CAC .  ? A CAC 1091 ? 1_555  143.7 ? 
13 OD2 ? A ASP 76 ? A ASP 76   ? 1_555 ZN ? E ZN . ? A ZN 1093 ? 1_555 O1  ? D CAC .  ? A CAC 1092 ? 1_555  91.2  ? 
14 OD2 ? A ASP 76 ? A ASP 76   ? 1_555 ZN ? E ZN . ? A ZN 1093 ? 1_555 O2  ? D CAC .  ? A CAC 1092 ? 10_555 102.4 ? 
15 O1  ? D CAC .  ? A CAC 1092 ? 1_555 ZN ? E ZN . ? A ZN 1093 ? 1_555 O2  ? D CAC .  ? A CAC 1092 ? 10_555 11.3  ? 
# 
_pdbx_modification_feature.ordinal                            1 
_pdbx_modification_feature.label_comp_id                      CYS 
_pdbx_modification_feature.label_asym_id                      A 
_pdbx_modification_feature.label_seq_id                       22 
_pdbx_modification_feature.label_alt_id                       ? 
_pdbx_modification_feature.modified_residue_label_comp_id     CYS 
_pdbx_modification_feature.modified_residue_label_asym_id     A 
_pdbx_modification_feature.modified_residue_label_seq_id      81 
_pdbx_modification_feature.modified_residue_label_alt_id      ? 
_pdbx_modification_feature.auth_comp_id                       CYS 
_pdbx_modification_feature.auth_asym_id                       A 
_pdbx_modification_feature.auth_seq_id                        22 
_pdbx_modification_feature.PDB_ins_code                       ? 
_pdbx_modification_feature.symmetry                           1_555 
_pdbx_modification_feature.modified_residue_auth_comp_id      CYS 
_pdbx_modification_feature.modified_residue_auth_asym_id      A 
_pdbx_modification_feature.modified_residue_auth_seq_id       81 
_pdbx_modification_feature.modified_residue_PDB_ins_code      ? 
_pdbx_modification_feature.modified_residue_symmetry          1_555 
_pdbx_modification_feature.comp_id_linking_atom               SG 
_pdbx_modification_feature.modified_residue_id_linking_atom   SG 
_pdbx_modification_feature.modified_residue_id                . 
_pdbx_modification_feature.ref_pcm_id                         . 
_pdbx_modification_feature.ref_comp_id                        . 
_pdbx_modification_feature.type                               None 
_pdbx_modification_feature.category                           'Disulfide bridge' 
# 
loop_
_struct_site.id 
_struct_site.pdbx_evidence_code 
_struct_site.pdbx_auth_asym_id 
_struct_site.pdbx_auth_comp_id 
_struct_site.pdbx_auth_seq_id 
_struct_site.pdbx_auth_ins_code 
_struct_site.pdbx_num_residues 
_struct_site.details 
AC1 Software ? ? ? ? 5 'BINDING SITE FOR RESIDUE CAC A1090' 
AC2 Software ? ? ? ? 4 'BINDING SITE FOR RESIDUE CAC A1091' 
AC3 Software ? ? ? ? 5 'BINDING SITE FOR RESIDUE CAC A1092' 
AC4 Software ? ? ? ? 4 'BINDING SITE FOR RESIDUE ZN A1093'  
AC5 Software ? ? ? ? 2 'BINDING SITE FOR RESIDUE ZN A1094'  
AC6 Software ? ? ? ? 2 'BINDING SITE FOR RESIDUE ZN A1095'  
AC7 Software ? ? ? ? 2 'BINDING SITE FOR RESIDUE ZN A1096'  
AC8 Software ? ? ? ? 1 'BINDING SITE FOR RESIDUE ZN A1097'  
AC9 Software ? ? ? ? 1 'BINDING SITE FOR RESIDUE ZN A1098'  
# 
loop_
_struct_site_gen.id 
_struct_site_gen.site_id 
_struct_site_gen.pdbx_num_res 
_struct_site_gen.label_comp_id 
_struct_site_gen.label_asym_id 
_struct_site_gen.label_seq_id 
_struct_site_gen.pdbx_auth_ins_code 
_struct_site_gen.auth_comp_id 
_struct_site_gen.auth_asym_id 
_struct_site_gen.auth_seq_id 
_struct_site_gen.label_atom_id 
_struct_site_gen.label_alt_id 
_struct_site_gen.symmetry 
_struct_site_gen.details 
1  AC1 5 ASN A 41 ? ASN A 41   . ? 1_555 ? 
2  AC1 5 ASP A 76 ? ASP A 76   . ? 1_555 ? 
3  AC1 5 GLN A 79 ? GLN A 79   . ? 1_555 ? 
4  AC1 5 CAC D .  ? CAC A 1092 . ? 1_555 ? 
5  AC1 5 ZN  E .  ? ZN  A 1093 . ? 1_555 ? 
6  AC2 4 GLU A 37 ? GLU A 37   . ? 1_555 ? 
7  AC2 4 GLY A 82 ? GLY A 82   . ? 1_555 ? 
8  AC2 4 ZN  F .  ? ZN  A 1094 . ? 1_555 ? 
9  AC2 4 ZN  G .  ? ZN  A 1095 . ? 1_555 ? 
10 AC3 5 ASN A 41 ? ASN A 41   . ? 1_555 ? 
11 AC3 5 ASP A 76 ? ASP A 76   . ? 1_555 ? 
12 AC3 5 ASP A 87 ? ASP A 87   . ? 1_555 ? 
13 AC3 5 CAC B .  ? CAC A 1090 . ? 1_555 ? 
14 AC3 5 ZN  E .  ? ZN  A 1093 . ? 1_555 ? 
15 AC4 4 ASP A 76 ? ASP A 76   . ? 1_555 ? 
16 AC4 4 ASP A 87 ? ASP A 87   . ? 1_555 ? 
17 AC4 4 CAC B .  ? CAC A 1090 . ? 1_555 ? 
18 AC4 4 CAC D .  ? CAC A 1092 . ? 1_555 ? 
19 AC5 2 GLU A 26 ? GLU A 26   . ? 1_555 ? 
20 AC5 2 CAC C .  ? CAC A 1091 . ? 1_555 ? 
21 AC6 2 GLU A 37 ? GLU A 37   . ? 1_555 ? 
22 AC6 2 CAC C .  ? CAC A 1091 . ? 1_555 ? 
23 AC7 2 GLU A 46 ? GLU A 46   . ? 1_555 ? 
24 AC7 2 ASP A 69 ? ASP A 69   . ? 1_555 ? 
25 AC8 1 GLN A 62 ? GLN A 62   . ? 1_555 ? 
26 AC9 1 GLU A 68 ? GLU A 68   . ? 1_555 ? 
# 
_pdbx_entry_details.entry_id                   2VQK 
_pdbx_entry_details.compound_details           ? 
_pdbx_entry_details.source_details             ? 
_pdbx_entry_details.nonpolymer_details         ? 
_pdbx_entry_details.sequence_details           ? 
_pdbx_entry_details.has_ligand_of_interest     ? 
_pdbx_entry_details.has_protein_modification   Y 
# 
loop_
_pdbx_struct_special_symmetry.id 
_pdbx_struct_special_symmetry.PDB_model_num 
_pdbx_struct_special_symmetry.auth_asym_id 
_pdbx_struct_special_symmetry.auth_comp_id 
_pdbx_struct_special_symmetry.auth_seq_id 
_pdbx_struct_special_symmetry.PDB_ins_code 
_pdbx_struct_special_symmetry.label_asym_id 
_pdbx_struct_special_symmetry.label_comp_id 
_pdbx_struct_special_symmetry.label_seq_id 
1 1 A CAC 1090 ? B CAC . 
2 1 A ZN  1094 ? F ZN  . 
3 1 A ZN  1095 ? G ZN  . 
# 
loop_
_pdbx_unobs_or_zero_occ_residues.id 
_pdbx_unobs_or_zero_occ_residues.PDB_model_num 
_pdbx_unobs_or_zero_occ_residues.polymer_flag 
_pdbx_unobs_or_zero_occ_residues.occupancy_flag 
_pdbx_unobs_or_zero_occ_residues.auth_asym_id 
_pdbx_unobs_or_zero_occ_residues.auth_comp_id 
_pdbx_unobs_or_zero_occ_residues.auth_seq_id 
_pdbx_unobs_or_zero_occ_residues.PDB_ins_code 
_pdbx_unobs_or_zero_occ_residues.label_asym_id 
_pdbx_unobs_or_zero_occ_residues.label_comp_id 
_pdbx_unobs_or_zero_occ_residues.label_seq_id 
1  1 Y 1 A SER 1  ? A SER 1  
2  1 Y 1 A ASP 2  ? A ASP 2  
3  1 Y 1 A PHE 3  ? A PHE 3  
4  1 Y 1 A ALA 4  ? A ALA 4  
5  1 Y 1 A ASN 5  ? A ASN 5  
6  1 Y 1 A LEU 6  ? A LEU 6  
7  1 Y 1 A SER 7  ? A SER 7  
8  1 Y 1 A SER 8  ? A SER 8  
9  1 Y 1 A THR 9  ? A THR 9  
10 1 Y 1 A ASN 10 ? A ASN 10 
11 1 Y 1 A LYS 11 ? A LYS 11 
12 1 Y 1 A GLU 12 ? A GLU 12 
13 1 Y 1 A LEU 13 ? A LEU 13 
14 1 Y 1 A SER 14 ? A SER 14 
15 1 Y 1 A PRO 15 ? A PRO 15 
16 1 Y 1 A GLN 16 ? A GLN 16 
17 1 Y 1 A TYR 17 ? A TYR 17 
18 1 Y 1 A LEU 90 ? A LEU 90 
19 1 Y 1 A SER 91 ? A SER 91 
20 1 Y 1 A GLU 92 ? A GLU 92 
21 1 Y 1 A LEU 93 ? A LEU 93 
22 1 Y 1 A SER 94 ? A SER 94 
23 1 Y 1 A SER 95 ? A SER 95 
24 1 Y 1 A ASN 96 ? A ASN 96 
25 1 Y 1 A PHE 97 ? A PHE 97 
26 1 Y 1 A SER 98 ? A SER 98 
27 1 Y 1 A SER 99 ? A SER 99 
# 
loop_
_chem_comp_atom.comp_id 
_chem_comp_atom.atom_id 
_chem_comp_atom.type_symbol 
_chem_comp_atom.pdbx_aromatic_flag 
_chem_comp_atom.pdbx_stereo_config 
_chem_comp_atom.pdbx_ordinal 
ALA N    N  N N 1   
ALA CA   C  N S 2   
ALA C    C  N N 3   
ALA O    O  N N 4   
ALA CB   C  N N 5   
ALA OXT  O  N N 6   
ALA H    H  N N 7   
ALA H2   H  N N 8   
ALA HA   H  N N 9   
ALA HB1  H  N N 10  
ALA HB2  H  N N 11  
ALA HB3  H  N N 12  
ALA HXT  H  N N 13  
ARG N    N  N N 14  
ARG CA   C  N S 15  
ARG C    C  N N 16  
ARG O    O  N N 17  
ARG CB   C  N N 18  
ARG CG   C  N N 19  
ARG CD   C  N N 20  
ARG NE   N  N N 21  
ARG CZ   C  N N 22  
ARG NH1  N  N N 23  
ARG NH2  N  N N 24  
ARG OXT  O  N N 25  
ARG H    H  N N 26  
ARG H2   H  N N 27  
ARG HA   H  N N 28  
ARG HB2  H  N N 29  
ARG HB3  H  N N 30  
ARG HG2  H  N N 31  
ARG HG3  H  N N 32  
ARG HD2  H  N N 33  
ARG HD3  H  N N 34  
ARG HE   H  N N 35  
ARG HH11 H  N N 36  
ARG HH12 H  N N 37  
ARG HH21 H  N N 38  
ARG HH22 H  N N 39  
ARG HXT  H  N N 40  
ASN N    N  N N 41  
ASN CA   C  N S 42  
ASN C    C  N N 43  
ASN O    O  N N 44  
ASN CB   C  N N 45  
ASN CG   C  N N 46  
ASN OD1  O  N N 47  
ASN ND2  N  N N 48  
ASN OXT  O  N N 49  
ASN H    H  N N 50  
ASN H2   H  N N 51  
ASN HA   H  N N 52  
ASN HB2  H  N N 53  
ASN HB3  H  N N 54  
ASN HD21 H  N N 55  
ASN HD22 H  N N 56  
ASN HXT  H  N N 57  
ASP N    N  N N 58  
ASP CA   C  N S 59  
ASP C    C  N N 60  
ASP O    O  N N 61  
ASP CB   C  N N 62  
ASP CG   C  N N 63  
ASP OD1  O  N N 64  
ASP OD2  O  N N 65  
ASP OXT  O  N N 66  
ASP H    H  N N 67  
ASP H2   H  N N 68  
ASP HA   H  N N 69  
ASP HB2  H  N N 70  
ASP HB3  H  N N 71  
ASP HD2  H  N N 72  
ASP HXT  H  N N 73  
CAC AS   AS N N 74  
CAC O1   O  N N 75  
CAC O2   O  N N 76  
CAC C1   C  N N 77  
CAC C2   C  N N 78  
CAC H11  H  N N 79  
CAC H12  H  N N 80  
CAC H13  H  N N 81  
CAC H21  H  N N 82  
CAC H22  H  N N 83  
CAC H23  H  N N 84  
CYS N    N  N N 85  
CYS CA   C  N R 86  
CYS C    C  N N 87  
CYS O    O  N N 88  
CYS CB   C  N N 89  
CYS SG   S  N N 90  
CYS OXT  O  N N 91  
CYS H    H  N N 92  
CYS H2   H  N N 93  
CYS HA   H  N N 94  
CYS HB2  H  N N 95  
CYS HB3  H  N N 96  
CYS HG   H  N N 97  
CYS HXT  H  N N 98  
GLN N    N  N N 99  
GLN CA   C  N S 100 
GLN C    C  N N 101 
GLN O    O  N N 102 
GLN CB   C  N N 103 
GLN CG   C  N N 104 
GLN CD   C  N N 105 
GLN OE1  O  N N 106 
GLN NE2  N  N N 107 
GLN OXT  O  N N 108 
GLN H    H  N N 109 
GLN H2   H  N N 110 
GLN HA   H  N N 111 
GLN HB2  H  N N 112 
GLN HB3  H  N N 113 
GLN HG2  H  N N 114 
GLN HG3  H  N N 115 
GLN HE21 H  N N 116 
GLN HE22 H  N N 117 
GLN HXT  H  N N 118 
GLU N    N  N N 119 
GLU CA   C  N S 120 
GLU C    C  N N 121 
GLU O    O  N N 122 
GLU CB   C  N N 123 
GLU CG   C  N N 124 
GLU CD   C  N N 125 
GLU OE1  O  N N 126 
GLU OE2  O  N N 127 
GLU OXT  O  N N 128 
GLU H    H  N N 129 
GLU H2   H  N N 130 
GLU HA   H  N N 131 
GLU HB2  H  N N 132 
GLU HB3  H  N N 133 
GLU HG2  H  N N 134 
GLU HG3  H  N N 135 
GLU HE2  H  N N 136 
GLU HXT  H  N N 137 
GLY N    N  N N 138 
GLY CA   C  N N 139 
GLY C    C  N N 140 
GLY O    O  N N 141 
GLY OXT  O  N N 142 
GLY H    H  N N 143 
GLY H2   H  N N 144 
GLY HA2  H  N N 145 
GLY HA3  H  N N 146 
GLY HXT  H  N N 147 
ILE N    N  N N 148 
ILE CA   C  N S 149 
ILE C    C  N N 150 
ILE O    O  N N 151 
ILE CB   C  N S 152 
ILE CG1  C  N N 153 
ILE CG2  C  N N 154 
ILE CD1  C  N N 155 
ILE OXT  O  N N 156 
ILE H    H  N N 157 
ILE H2   H  N N 158 
ILE HA   H  N N 159 
ILE HB   H  N N 160 
ILE HG12 H  N N 161 
ILE HG13 H  N N 162 
ILE HG21 H  N N 163 
ILE HG22 H  N N 164 
ILE HG23 H  N N 165 
ILE HD11 H  N N 166 
ILE HD12 H  N N 167 
ILE HD13 H  N N 168 
ILE HXT  H  N N 169 
LEU N    N  N N 170 
LEU CA   C  N S 171 
LEU C    C  N N 172 
LEU O    O  N N 173 
LEU CB   C  N N 174 
LEU CG   C  N N 175 
LEU CD1  C  N N 176 
LEU CD2  C  N N 177 
LEU OXT  O  N N 178 
LEU H    H  N N 179 
LEU H2   H  N N 180 
LEU HA   H  N N 181 
LEU HB2  H  N N 182 
LEU HB3  H  N N 183 
LEU HG   H  N N 184 
LEU HD11 H  N N 185 
LEU HD12 H  N N 186 
LEU HD13 H  N N 187 
LEU HD21 H  N N 188 
LEU HD22 H  N N 189 
LEU HD23 H  N N 190 
LEU HXT  H  N N 191 
LYS N    N  N N 192 
LYS CA   C  N S 193 
LYS C    C  N N 194 
LYS O    O  N N 195 
LYS CB   C  N N 196 
LYS CG   C  N N 197 
LYS CD   C  N N 198 
LYS CE   C  N N 199 
LYS NZ   N  N N 200 
LYS OXT  O  N N 201 
LYS H    H  N N 202 
LYS H2   H  N N 203 
LYS HA   H  N N 204 
LYS HB2  H  N N 205 
LYS HB3  H  N N 206 
LYS HG2  H  N N 207 
LYS HG3  H  N N 208 
LYS HD2  H  N N 209 
LYS HD3  H  N N 210 
LYS HE2  H  N N 211 
LYS HE3  H  N N 212 
LYS HZ1  H  N N 213 
LYS HZ2  H  N N 214 
LYS HZ3  H  N N 215 
LYS HXT  H  N N 216 
PHE N    N  N N 217 
PHE CA   C  N S 218 
PHE C    C  N N 219 
PHE O    O  N N 220 
PHE CB   C  N N 221 
PHE CG   C  Y N 222 
PHE CD1  C  Y N 223 
PHE CD2  C  Y N 224 
PHE CE1  C  Y N 225 
PHE CE2  C  Y N 226 
PHE CZ   C  Y N 227 
PHE OXT  O  N N 228 
PHE H    H  N N 229 
PHE H2   H  N N 230 
PHE HA   H  N N 231 
PHE HB2  H  N N 232 
PHE HB3  H  N N 233 
PHE HD1  H  N N 234 
PHE HD2  H  N N 235 
PHE HE1  H  N N 236 
PHE HE2  H  N N 237 
PHE HZ   H  N N 238 
PHE HXT  H  N N 239 
PRO N    N  N N 240 
PRO CA   C  N S 241 
PRO C    C  N N 242 
PRO O    O  N N 243 
PRO CB   C  N N 244 
PRO CG   C  N N 245 
PRO CD   C  N N 246 
PRO OXT  O  N N 247 
PRO H    H  N N 248 
PRO HA   H  N N 249 
PRO HB2  H  N N 250 
PRO HB3  H  N N 251 
PRO HG2  H  N N 252 
PRO HG3  H  N N 253 
PRO HD2  H  N N 254 
PRO HD3  H  N N 255 
PRO HXT  H  N N 256 
SER N    N  N N 257 
SER CA   C  N S 258 
SER C    C  N N 259 
SER O    O  N N 260 
SER CB   C  N N 261 
SER OG   O  N N 262 
SER OXT  O  N N 263 
SER H    H  N N 264 
SER H2   H  N N 265 
SER HA   H  N N 266 
SER HB2  H  N N 267 
SER HB3  H  N N 268 
SER HG   H  N N 269 
SER HXT  H  N N 270 
THR N    N  N N 271 
THR CA   C  N S 272 
THR C    C  N N 273 
THR O    O  N N 274 
THR CB   C  N R 275 
THR OG1  O  N N 276 
THR CG2  C  N N 277 
THR OXT  O  N N 278 
THR H    H  N N 279 
THR H2   H  N N 280 
THR HA   H  N N 281 
THR HB   H  N N 282 
THR HG1  H  N N 283 
THR HG21 H  N N 284 
THR HG22 H  N N 285 
THR HG23 H  N N 286 
THR HXT  H  N N 287 
TRP N    N  N N 288 
TRP CA   C  N S 289 
TRP C    C  N N 290 
TRP O    O  N N 291 
TRP CB   C  N N 292 
TRP CG   C  Y N 293 
TRP CD1  C  Y N 294 
TRP CD2  C  Y N 295 
TRP NE1  N  Y N 296 
TRP CE2  C  Y N 297 
TRP CE3  C  Y N 298 
TRP CZ2  C  Y N 299 
TRP CZ3  C  Y N 300 
TRP CH2  C  Y N 301 
TRP OXT  O  N N 302 
TRP H    H  N N 303 
TRP H2   H  N N 304 
TRP HA   H  N N 305 
TRP HB2  H  N N 306 
TRP HB3  H  N N 307 
TRP HD1  H  N N 308 
TRP HE1  H  N N 309 
TRP HE3  H  N N 310 
TRP HZ2  H  N N 311 
TRP HZ3  H  N N 312 
TRP HH2  H  N N 313 
TRP HXT  H  N N 314 
TYR N    N  N N 315 
TYR CA   C  N S 316 
TYR C    C  N N 317 
TYR O    O  N N 318 
TYR CB   C  N N 319 
TYR CG   C  Y N 320 
TYR CD1  C  Y N 321 
TYR CD2  C  Y N 322 
TYR CE1  C  Y N 323 
TYR CE2  C  Y N 324 
TYR CZ   C  Y N 325 
TYR OH   O  N N 326 
TYR OXT  O  N N 327 
TYR H    H  N N 328 
TYR H2   H  N N 329 
TYR HA   H  N N 330 
TYR HB2  H  N N 331 
TYR HB3  H  N N 332 
TYR HD1  H  N N 333 
TYR HD2  H  N N 334 
TYR HE1  H  N N 335 
TYR HE2  H  N N 336 
TYR HH   H  N N 337 
TYR HXT  H  N N 338 
VAL N    N  N N 339 
VAL CA   C  N S 340 
VAL C    C  N N 341 
VAL O    O  N N 342 
VAL CB   C  N N 343 
VAL CG1  C  N N 344 
VAL CG2  C  N N 345 
VAL OXT  O  N N 346 
VAL H    H  N N 347 
VAL H2   H  N N 348 
VAL HA   H  N N 349 
VAL HB   H  N N 350 
VAL HG11 H  N N 351 
VAL HG12 H  N N 352 
VAL HG13 H  N N 353 
VAL HG21 H  N N 354 
VAL HG22 H  N N 355 
VAL HG23 H  N N 356 
VAL HXT  H  N N 357 
ZN  ZN   ZN N N 358 
# 
loop_
_chem_comp_bond.comp_id 
_chem_comp_bond.atom_id_1 
_chem_comp_bond.atom_id_2 
_chem_comp_bond.value_order 
_chem_comp_bond.pdbx_aromatic_flag 
_chem_comp_bond.pdbx_stereo_config 
_chem_comp_bond.pdbx_ordinal 
ALA N   CA   sing N N 1   
ALA N   H    sing N N 2   
ALA N   H2   sing N N 3   
ALA CA  C    sing N N 4   
ALA CA  CB   sing N N 5   
ALA CA  HA   sing N N 6   
ALA C   O    doub N N 7   
ALA C   OXT  sing N N 8   
ALA CB  HB1  sing N N 9   
ALA CB  HB2  sing N N 10  
ALA CB  HB3  sing N N 11  
ALA OXT HXT  sing N N 12  
ARG N   CA   sing N N 13  
ARG N   H    sing N N 14  
ARG N   H2   sing N N 15  
ARG CA  C    sing N N 16  
ARG CA  CB   sing N N 17  
ARG CA  HA   sing N N 18  
ARG C   O    doub N N 19  
ARG C   OXT  sing N N 20  
ARG CB  CG   sing N N 21  
ARG CB  HB2  sing N N 22  
ARG CB  HB3  sing N N 23  
ARG CG  CD   sing N N 24  
ARG CG  HG2  sing N N 25  
ARG CG  HG3  sing N N 26  
ARG CD  NE   sing N N 27  
ARG CD  HD2  sing N N 28  
ARG CD  HD3  sing N N 29  
ARG NE  CZ   sing N N 30  
ARG NE  HE   sing N N 31  
ARG CZ  NH1  sing N N 32  
ARG CZ  NH2  doub N N 33  
ARG NH1 HH11 sing N N 34  
ARG NH1 HH12 sing N N 35  
ARG NH2 HH21 sing N N 36  
ARG NH2 HH22 sing N N 37  
ARG OXT HXT  sing N N 38  
ASN N   CA   sing N N 39  
ASN N   H    sing N N 40  
ASN N   H2   sing N N 41  
ASN CA  C    sing N N 42  
ASN CA  CB   sing N N 43  
ASN CA  HA   sing N N 44  
ASN C   O    doub N N 45  
ASN C   OXT  sing N N 46  
ASN CB  CG   sing N N 47  
ASN CB  HB2  sing N N 48  
ASN CB  HB3  sing N N 49  
ASN CG  OD1  doub N N 50  
ASN CG  ND2  sing N N 51  
ASN ND2 HD21 sing N N 52  
ASN ND2 HD22 sing N N 53  
ASN OXT HXT  sing N N 54  
ASP N   CA   sing N N 55  
ASP N   H    sing N N 56  
ASP N   H2   sing N N 57  
ASP CA  C    sing N N 58  
ASP CA  CB   sing N N 59  
ASP CA  HA   sing N N 60  
ASP C   O    doub N N 61  
ASP C   OXT  sing N N 62  
ASP CB  CG   sing N N 63  
ASP CB  HB2  sing N N 64  
ASP CB  HB3  sing N N 65  
ASP CG  OD1  doub N N 66  
ASP CG  OD2  sing N N 67  
ASP OD2 HD2  sing N N 68  
ASP OXT HXT  sing N N 69  
CAC AS  O1   doub N N 70  
CAC AS  O2   sing N N 71  
CAC AS  C1   sing N N 72  
CAC AS  C2   sing N N 73  
CAC C1  H11  sing N N 74  
CAC C1  H12  sing N N 75  
CAC C1  H13  sing N N 76  
CAC C2  H21  sing N N 77  
CAC C2  H22  sing N N 78  
CAC C2  H23  sing N N 79  
CYS N   CA   sing N N 80  
CYS N   H    sing N N 81  
CYS N   H2   sing N N 82  
CYS CA  C    sing N N 83  
CYS CA  CB   sing N N 84  
CYS CA  HA   sing N N 85  
CYS C   O    doub N N 86  
CYS C   OXT  sing N N 87  
CYS CB  SG   sing N N 88  
CYS CB  HB2  sing N N 89  
CYS CB  HB3  sing N N 90  
CYS SG  HG   sing N N 91  
CYS OXT HXT  sing N N 92  
GLN N   CA   sing N N 93  
GLN N   H    sing N N 94  
GLN N   H2   sing N N 95  
GLN CA  C    sing N N 96  
GLN CA  CB   sing N N 97  
GLN CA  HA   sing N N 98  
GLN C   O    doub N N 99  
GLN C   OXT  sing N N 100 
GLN CB  CG   sing N N 101 
GLN CB  HB2  sing N N 102 
GLN CB  HB3  sing N N 103 
GLN CG  CD   sing N N 104 
GLN CG  HG2  sing N N 105 
GLN CG  HG3  sing N N 106 
GLN CD  OE1  doub N N 107 
GLN CD  NE2  sing N N 108 
GLN NE2 HE21 sing N N 109 
GLN NE2 HE22 sing N N 110 
GLN OXT HXT  sing N N 111 
GLU N   CA   sing N N 112 
GLU N   H    sing N N 113 
GLU N   H2   sing N N 114 
GLU CA  C    sing N N 115 
GLU CA  CB   sing N N 116 
GLU CA  HA   sing N N 117 
GLU C   O    doub N N 118 
GLU C   OXT  sing N N 119 
GLU CB  CG   sing N N 120 
GLU CB  HB2  sing N N 121 
GLU CB  HB3  sing N N 122 
GLU CG  CD   sing N N 123 
GLU CG  HG2  sing N N 124 
GLU CG  HG3  sing N N 125 
GLU CD  OE1  doub N N 126 
GLU CD  OE2  sing N N 127 
GLU OE2 HE2  sing N N 128 
GLU OXT HXT  sing N N 129 
GLY N   CA   sing N N 130 
GLY N   H    sing N N 131 
GLY N   H2   sing N N 132 
GLY CA  C    sing N N 133 
GLY CA  HA2  sing N N 134 
GLY CA  HA3  sing N N 135 
GLY C   O    doub N N 136 
GLY C   OXT  sing N N 137 
GLY OXT HXT  sing N N 138 
ILE N   CA   sing N N 139 
ILE N   H    sing N N 140 
ILE N   H2   sing N N 141 
ILE CA  C    sing N N 142 
ILE CA  CB   sing N N 143 
ILE CA  HA   sing N N 144 
ILE C   O    doub N N 145 
ILE C   OXT  sing N N 146 
ILE CB  CG1  sing N N 147 
ILE CB  CG2  sing N N 148 
ILE CB  HB   sing N N 149 
ILE CG1 CD1  sing N N 150 
ILE CG1 HG12 sing N N 151 
ILE CG1 HG13 sing N N 152 
ILE CG2 HG21 sing N N 153 
ILE CG2 HG22 sing N N 154 
ILE CG2 HG23 sing N N 155 
ILE CD1 HD11 sing N N 156 
ILE CD1 HD12 sing N N 157 
ILE CD1 HD13 sing N N 158 
ILE OXT HXT  sing N N 159 
LEU N   CA   sing N N 160 
LEU N   H    sing N N 161 
LEU N   H2   sing N N 162 
LEU CA  C    sing N N 163 
LEU CA  CB   sing N N 164 
LEU CA  HA   sing N N 165 
LEU C   O    doub N N 166 
LEU C   OXT  sing N N 167 
LEU CB  CG   sing N N 168 
LEU CB  HB2  sing N N 169 
LEU CB  HB3  sing N N 170 
LEU CG  CD1  sing N N 171 
LEU CG  CD2  sing N N 172 
LEU CG  HG   sing N N 173 
LEU CD1 HD11 sing N N 174 
LEU CD1 HD12 sing N N 175 
LEU CD1 HD13 sing N N 176 
LEU CD2 HD21 sing N N 177 
LEU CD2 HD22 sing N N 178 
LEU CD2 HD23 sing N N 179 
LEU OXT HXT  sing N N 180 
LYS N   CA   sing N N 181 
LYS N   H    sing N N 182 
LYS N   H2   sing N N 183 
LYS CA  C    sing N N 184 
LYS CA  CB   sing N N 185 
LYS CA  HA   sing N N 186 
LYS C   O    doub N N 187 
LYS C   OXT  sing N N 188 
LYS CB  CG   sing N N 189 
LYS CB  HB2  sing N N 190 
LYS CB  HB3  sing N N 191 
LYS CG  CD   sing N N 192 
LYS CG  HG2  sing N N 193 
LYS CG  HG3  sing N N 194 
LYS CD  CE   sing N N 195 
LYS CD  HD2  sing N N 196 
LYS CD  HD3  sing N N 197 
LYS CE  NZ   sing N N 198 
LYS CE  HE2  sing N N 199 
LYS CE  HE3  sing N N 200 
LYS NZ  HZ1  sing N N 201 
LYS NZ  HZ2  sing N N 202 
LYS NZ  HZ3  sing N N 203 
LYS OXT HXT  sing N N 204 
PHE N   CA   sing N N 205 
PHE N   H    sing N N 206 
PHE N   H2   sing N N 207 
PHE CA  C    sing N N 208 
PHE CA  CB   sing N N 209 
PHE CA  HA   sing N N 210 
PHE C   O    doub N N 211 
PHE C   OXT  sing N N 212 
PHE CB  CG   sing N N 213 
PHE CB  HB2  sing N N 214 
PHE CB  HB3  sing N N 215 
PHE CG  CD1  doub Y N 216 
PHE CG  CD2  sing Y N 217 
PHE CD1 CE1  sing Y N 218 
PHE CD1 HD1  sing N N 219 
PHE CD2 CE2  doub Y N 220 
PHE CD2 HD2  sing N N 221 
PHE CE1 CZ   doub Y N 222 
PHE CE1 HE1  sing N N 223 
PHE CE2 CZ   sing Y N 224 
PHE CE2 HE2  sing N N 225 
PHE CZ  HZ   sing N N 226 
PHE OXT HXT  sing N N 227 
PRO N   CA   sing N N 228 
PRO N   CD   sing N N 229 
PRO N   H    sing N N 230 
PRO CA  C    sing N N 231 
PRO CA  CB   sing N N 232 
PRO CA  HA   sing N N 233 
PRO C   O    doub N N 234 
PRO C   OXT  sing N N 235 
PRO CB  CG   sing N N 236 
PRO CB  HB2  sing N N 237 
PRO CB  HB3  sing N N 238 
PRO CG  CD   sing N N 239 
PRO CG  HG2  sing N N 240 
PRO CG  HG3  sing N N 241 
PRO CD  HD2  sing N N 242 
PRO CD  HD3  sing N N 243 
PRO OXT HXT  sing N N 244 
SER N   CA   sing N N 245 
SER N   H    sing N N 246 
SER N   H2   sing N N 247 
SER CA  C    sing N N 248 
SER CA  CB   sing N N 249 
SER CA  HA   sing N N 250 
SER C   O    doub N N 251 
SER C   OXT  sing N N 252 
SER CB  OG   sing N N 253 
SER CB  HB2  sing N N 254 
SER CB  HB3  sing N N 255 
SER OG  HG   sing N N 256 
SER OXT HXT  sing N N 257 
THR N   CA   sing N N 258 
THR N   H    sing N N 259 
THR N   H2   sing N N 260 
THR CA  C    sing N N 261 
THR CA  CB   sing N N 262 
THR CA  HA   sing N N 263 
THR C   O    doub N N 264 
THR C   OXT  sing N N 265 
THR CB  OG1  sing N N 266 
THR CB  CG2  sing N N 267 
THR CB  HB   sing N N 268 
THR OG1 HG1  sing N N 269 
THR CG2 HG21 sing N N 270 
THR CG2 HG22 sing N N 271 
THR CG2 HG23 sing N N 272 
THR OXT HXT  sing N N 273 
TRP N   CA   sing N N 274 
TRP N   H    sing N N 275 
TRP N   H2   sing N N 276 
TRP CA  C    sing N N 277 
TRP CA  CB   sing N N 278 
TRP CA  HA   sing N N 279 
TRP C   O    doub N N 280 
TRP C   OXT  sing N N 281 
TRP CB  CG   sing N N 282 
TRP CB  HB2  sing N N 283 
TRP CB  HB3  sing N N 284 
TRP CG  CD1  doub Y N 285 
TRP CG  CD2  sing Y N 286 
TRP CD1 NE1  sing Y N 287 
TRP CD1 HD1  sing N N 288 
TRP CD2 CE2  doub Y N 289 
TRP CD2 CE3  sing Y N 290 
TRP NE1 CE2  sing Y N 291 
TRP NE1 HE1  sing N N 292 
TRP CE2 CZ2  sing Y N 293 
TRP CE3 CZ3  doub Y N 294 
TRP CE3 HE3  sing N N 295 
TRP CZ2 CH2  doub Y N 296 
TRP CZ2 HZ2  sing N N 297 
TRP CZ3 CH2  sing Y N 298 
TRP CZ3 HZ3  sing N N 299 
TRP CH2 HH2  sing N N 300 
TRP OXT HXT  sing N N 301 
TYR N   CA   sing N N 302 
TYR N   H    sing N N 303 
TYR N   H2   sing N N 304 
TYR CA  C    sing N N 305 
TYR CA  CB   sing N N 306 
TYR CA  HA   sing N N 307 
TYR C   O    doub N N 308 
TYR C   OXT  sing N N 309 
TYR CB  CG   sing N N 310 
TYR CB  HB2  sing N N 311 
TYR CB  HB3  sing N N 312 
TYR CG  CD1  doub Y N 313 
TYR CG  CD2  sing Y N 314 
TYR CD1 CE1  sing Y N 315 
TYR CD1 HD1  sing N N 316 
TYR CD2 CE2  doub Y N 317 
TYR CD2 HD2  sing N N 318 
TYR CE1 CZ   doub Y N 319 
TYR CE1 HE1  sing N N 320 
TYR CE2 CZ   sing Y N 321 
TYR CE2 HE2  sing N N 322 
TYR CZ  OH   sing N N 323 
TYR OH  HH   sing N N 324 
TYR OXT HXT  sing N N 325 
VAL N   CA   sing N N 326 
VAL N   H    sing N N 327 
VAL N   H2   sing N N 328 
VAL CA  C    sing N N 329 
VAL CA  CB   sing N N 330 
VAL CA  HA   sing N N 331 
VAL C   O    doub N N 332 
VAL C   OXT  sing N N 333 
VAL CB  CG1  sing N N 334 
VAL CB  CG2  sing N N 335 
VAL CB  HB   sing N N 336 
VAL CG1 HG11 sing N N 337 
VAL CG1 HG12 sing N N 338 
VAL CG1 HG13 sing N N 339 
VAL CG2 HG21 sing N N 340 
VAL CG2 HG22 sing N N 341 
VAL CG2 HG23 sing N N 342 
VAL OXT HXT  sing N N 343 
# 
_atom_sites.entry_id                    2VQK 
_atom_sites.fract_transf_matrix[1][1]   0.00262118 
_atom_sites.fract_transf_matrix[1][2]   -0.00275191 
_atom_sites.fract_transf_matrix[1][3]   -0.01367258 
_atom_sites.fract_transf_matrix[2][1]   -0.00941955 
_atom_sites.fract_transf_matrix[2][2]   -0.00730590 
_atom_sites.fract_transf_matrix[2][3]   -0.00769937 
_atom_sites.fract_transf_matrix[3][1]   -0.00563078 
_atom_sites.fract_transf_matrix[3][2]   0.01065815 
_atom_sites.fract_transf_matrix[3][3]   -0.00322468 
_atom_sites.fract_transf_vector[1]      0.201893 
_atom_sites.fract_transf_vector[2]      -0.426501 
_atom_sites.fract_transf_vector[3]      0.115982 
# 
loop_
_atom_type.symbol 
AS 
C  
N  
O  
S  
ZN 
# 
loop_
_atom_site.group_PDB 
_atom_site.id 
_atom_site.type_symbol 
_atom_site.label_atom_id 
_atom_site.label_alt_id 
_atom_site.label_comp_id 
_atom_site.label_asym_id 
_atom_site.label_entity_id 
_atom_site.label_seq_id 
_atom_site.pdbx_PDB_ins_code 
_atom_site.Cartn_x 
_atom_site.Cartn_y 
_atom_site.Cartn_z 
_atom_site.occupancy 
_atom_site.B_iso_or_equiv 
_atom_site.pdbx_formal_charge 
_atom_site.auth_seq_id 
_atom_site.auth_comp_id 
_atom_site.auth_asym_id 
_atom_site.auth_atom_id 
_atom_site.pdbx_PDB_model_num 
ATOM   1   N  N   . ASN A 1 18 ? -8.988  -10.515 11.250  1.00 160.00 ? 18   ASN A N   1 
ATOM   2   C  CA  . ASN A 1 18 ? -9.454  -10.026 12.588  1.00 158.61 ? 18   ASN A CA  1 
ATOM   3   C  C   . ASN A 1 18 ? -8.769  -8.712  12.980  1.00 157.32 ? 18   ASN A C   1 
ATOM   4   O  O   . ASN A 1 18 ? -7.812  -8.286  12.335  1.00 156.38 ? 18   ASN A O   1 
ATOM   5   C  CB  . ASN A 1 18 ? -9.207  -11.096 13.666  1.00 159.24 ? 18   ASN A CB  1 
ATOM   6   C  CG  . ASN A 1 18 ? -7.723  -11.407 13.873  1.00 162.27 ? 18   ASN A CG  1 
ATOM   7   O  OD1 . ASN A 1 18 ? -6.903  -10.505 14.066  1.00 161.60 ? 18   ASN A OD1 1 
ATOM   8   N  ND2 . ASN A 1 18 ? -7.382  -12.691 13.854  1.00 167.21 ? 18   ASN A ND2 1 
ATOM   9   N  N   . TRP A 1 19 ? -9.260  -8.080  14.043  1.00 156.10 ? 19   TRP A N   1 
ATOM   10  C  CA  . TRP A 1 19 ? -8.717  -6.800  14.479  1.00 156.29 ? 19   TRP A CA  1 
ATOM   11  C  C   . TRP A 1 19 ? -7.229  -6.808  14.800  1.00 156.02 ? 19   TRP A C   1 
ATOM   12  O  O   . TRP A 1 19 ? -6.552  -5.803  14.620  1.00 155.23 ? 19   TRP A O   1 
ATOM   13  C  CB  . TRP A 1 19 ? -9.508  -6.276  15.678  1.00 156.53 ? 19   TRP A CB  1 
ATOM   14  C  CG  . TRP A 1 19 ? -9.388  -7.132  16.931  1.00 156.72 ? 19   TRP A CG  1 
ATOM   15  C  CD1 . TRP A 1 19 ? -8.430  -7.040  17.918  1.00 157.16 ? 19   TRP A CD1 1 
ATOM   16  C  CD2 . TRP A 1 19 ? -10.257 -8.208  17.319  1.00 156.49 ? 19   TRP A CD2 1 
ATOM   17  N  NE1 . TRP A 1 19 ? -8.657  -7.993  18.890  1.00 156.38 ? 19   TRP A NE1 1 
ATOM   18  C  CE2 . TRP A 1 19 ? -9.767  -8.721  18.547  1.00 157.24 ? 19   TRP A CE2 1 
ATOM   19  C  CE3 . TRP A 1 19 ? -11.401 -8.786  16.750  1.00 157.53 ? 19   TRP A CE3 1 
ATOM   20  C  CZ2 . TRP A 1 19 ? -10.393 -9.793  19.212  1.00 158.19 ? 19   TRP A CZ2 1 
ATOM   21  C  CZ3 . TRP A 1 19 ? -12.019 -9.850  17.414  1.00 157.25 ? 19   TRP A CZ3 1 
ATOM   22  C  CH2 . TRP A 1 19 ? -11.510 -10.340 18.631  1.00 157.34 ? 19   TRP A CH2 1 
ATOM   23  N  N   . VAL A 1 20 ? -6.704  -7.936  15.251  1.00 155.36 ? 20   VAL A N   1 
ATOM   24  C  CA  . VAL A 1 20 ? -5.296  -7.987  15.580  1.00 155.74 ? 20   VAL A CA  1 
ATOM   25  C  C   . VAL A 1 20 ? -4.451  -7.961  14.324  1.00 155.75 ? 20   VAL A C   1 
ATOM   26  O  O   . VAL A 1 20 ? -3.483  -7.212  14.225  1.00 155.52 ? 20   VAL A O   1 
ATOM   27  C  CB  . VAL A 1 20 ? -4.984  -9.229  16.407  1.00 155.09 ? 20   VAL A CB  1 
ATOM   28  C  CG1 . VAL A 1 20 ? -3.476  -9.355  16.620  1.00 156.03 ? 20   VAL A CG1 1 
ATOM   29  C  CG2 . VAL A 1 20 ? -5.717  -9.134  17.755  1.00 157.13 ? 20   VAL A CG2 1 
ATOM   30  N  N   . ALA A 1 21 ? -4.816  -8.780  13.354  1.00 155.96 ? 21   ALA A N   1 
ATOM   31  C  CA  . ALA A 1 21 ? -4.071  -8.795  12.115  1.00 156.28 ? 21   ALA A CA  1 
ATOM   32  C  C   . ALA A 1 21 ? -4.195  -7.435  11.436  1.00 156.77 ? 21   ALA A C   1 
ATOM   33  O  O   . ALA A 1 21 ? -3.212  -6.913  10.920  1.00 156.58 ? 21   ALA A O   1 
ATOM   34  C  CB  . ALA A 1 21 ? -4.595  -9.888  11.201  1.00 157.23 ? 21   ALA A CB  1 
ATOM   35  N  N   . CYS A 1 22 ? -5.403  -6.866  11.438  1.00 156.58 ? 22   CYS A N   1 
ATOM   36  C  CA  . CYS A 1 22 ? -5.656  -5.564  10.805  1.00 156.82 ? 22   CYS A CA  1 
ATOM   37  C  C   . CYS A 1 22 ? -4.975  -4.417  11.535  1.00 157.08 ? 22   CYS A C   1 
ATOM   38  O  O   . CYS A 1 22 ? -4.590  -3.411  10.938  1.00 157.72 ? 22   CYS A O   1 
ATOM   39  C  CB  . CYS A 1 22 ? -7.156  -5.299  10.721  1.00 157.40 ? 22   CYS A CB  1 
ATOM   40  S  SG  . CYS A 1 22 ? -8.024  -6.259  9.430   1.00 159.89 ? 22   CYS A SG  1 
ATOM   41  N  N   . GLY A 1 23 ? -4.816  -4.577  12.837  1.00 157.21 ? 23   GLY A N   1 
ATOM   42  C  CA  . GLY A 1 23 ? -4.152  -3.547  13.605  1.00 157.84 ? 23   GLY A CA  1 
ATOM   43  C  C   . GLY A 1 23 ? -2.660  -3.565  13.328  1.00 158.15 ? 23   GLY A C   1 
ATOM   44  O  O   . GLY A 1 23 ? -2.034  -2.513  13.215  1.00 159.10 ? 23   GLY A O   1 
ATOM   45  N  N   . ILE A 1 24 ? -2.089  -4.762  13.224  1.00 157.93 ? 24   ILE A N   1 
ATOM   46  C  CA  . ILE A 1 24 ? -0.672  -4.891  12.947  1.00 157.83 ? 24   ILE A CA  1 
ATOM   47  C  C   . ILE A 1 24 ? -0.418  -4.252  11.600  1.00 158.39 ? 24   ILE A C   1 
ATOM   48  O  O   . ILE A 1 24 ? 0.556   -3.522  11.421  1.00 158.99 ? 24   ILE A O   1 
ATOM   49  C  CB  . ILE A 1 24 ? -0.256  -6.362  12.929  1.00 157.36 ? 24   ILE A CB  1 
ATOM   50  C  CG1 . ILE A 1 24 ? -0.354  -6.911  14.350  1.00 157.93 ? 24   ILE A CG1 1 
ATOM   51  C  CG2 . ILE A 1 24 ? 1.155   -6.508  12.354  1.00 157.90 ? 24   ILE A CG2 1 
ATOM   52  C  CD1 . ILE A 1 24 ? -0.112  -8.405  14.455  1.00 158.55 ? 24   ILE A CD1 1 
ATOM   53  N  N   . LEU A 1 25 ? -1.321  -4.516  10.658  1.00 157.68 ? 25   LEU A N   1 
ATOM   54  C  CA  . LEU A 1 25 ? -1.212  -3.953  9.315   1.00 157.96 ? 25   LEU A CA  1 
ATOM   55  C  C   . LEU A 1 25 ? -1.328  -2.438  9.413   1.00 157.81 ? 25   LEU A C   1 
ATOM   56  O  O   . LEU A 1 25 ? -0.560  -1.712  8.784   1.00 157.68 ? 25   LEU A O   1 
ATOM   57  C  CB  . LEU A 1 25 ? -2.315  -4.491  8.385   1.00 157.21 ? 25   LEU A CB  1 
ATOM   58  C  CG  . LEU A 1 25 ? -2.392  -3.867  6.984   1.00 157.81 ? 25   LEU A CG  1 
ATOM   59  C  CD1 . LEU A 1 25 ? -1.128  -4.180  6.205   1.00 160.08 ? 25   LEU A CD1 1 
ATOM   60  C  CD2 . LEU A 1 25 ? -3.605  -4.397  6.250   1.00 159.46 ? 25   LEU A CD2 1 
ATOM   61  N  N   . GLU A 1 26 ? -2.274  -1.953  10.211  1.00 157.99 ? 26   GLU A N   1 
ATOM   62  C  CA  . GLU A 1 26 ? -2.425  -0.523  10.318  1.00 157.87 ? 26   GLU A CA  1 
ATOM   63  C  C   . GLU A 1 26 ? -1.186  0.107   10.910  1.00 157.67 ? 26   GLU A C   1 
ATOM   64  O  O   . GLU A 1 26 ? -0.661  1.083   10.382  1.00 157.54 ? 26   GLU A O   1 
ATOM   65  C  CB  . GLU A 1 26 ? -3.636  -0.151  11.161  1.00 158.05 ? 26   GLU A CB  1 
ATOM   66  C  CG  . GLU A 1 26 ? -3.831  1.372   11.193  1.00 159.91 ? 26   GLU A CG  1 
ATOM   67  C  CD  . GLU A 1 26 ? -5.108  1.855   11.885  1.00 158.23 ? 26   GLU A CD  1 
ATOM   68  O  OE1 . GLU A 1 26 ? -5.902  1.031   12.401  1.00 159.18 ? 26   GLU A OE1 1 
ATOM   69  O  OE2 . GLU A 1 26 ? -5.308  3.085   11.904  1.00 160.39 ? 26   GLU A OE2 1 
ATOM   70  N  N   . GLY A 1 27 ? -0.704  -0.443  12.009  1.00 157.81 ? 27   GLY A N   1 
ATOM   71  C  CA  . GLY A 1 27 ? 0.487   0.130   12.612  1.00 157.28 ? 27   GLY A CA  1 
ATOM   72  C  C   . GLY A 1 27 ? 1.667   0.139   11.659  1.00 158.06 ? 27   GLY A C   1 
ATOM   73  O  O   . GLY A 1 27 ? 2.354   1.148   11.464  1.00 157.65 ? 27   GLY A O   1 
ATOM   74  N  N   . GLY A 1 28 ? 1.912   -1.004  11.049  1.00 157.06 ? 28   GLY A N   1 
ATOM   75  C  CA  . GLY A 1 28 ? 3.031   -1.065  10.149  1.00 158.36 ? 28   GLY A CA  1 
ATOM   76  C  C   . GLY A 1 28 ? 2.967   -0.042  9.037   1.00 158.88 ? 28   GLY A C   1 
ATOM   77  O  O   . GLY A 1 28 ? 3.960   0.610   8.745   1.00 158.86 ? 28   GLY A O   1 
ATOM   78  N  N   . LEU A 1 29 ? 1.804   0.106   8.411   1.00 158.23 ? 29   LEU A N   1 
ATOM   79  C  CA  . LEU A 1 29 ? 1.665   1.064   7.320   1.00 159.36 ? 29   LEU A CA  1 
ATOM   80  C  C   . LEU A 1 29 ? 1.856   2.496   7.833   1.00 159.18 ? 29   LEU A C   1 
ATOM   81  O  O   . LEU A 1 29 ? 2.379   3.353   7.126   1.00 161.07 ? 29   LEU A O   1 
ATOM   82  C  CB  . LEU A 1 29 ? 0.297   0.914   6.631   1.00 159.46 ? 29   LEU A CB  1 
ATOM   83  C  CG  . LEU A 1 29 ? 0.045   -0.407  5.901   1.00 161.14 ? 29   LEU A CG  1 
ATOM   84  C  CD1 . LEU A 1 29 ? -1.377  -0.465  5.408   1.00 163.65 ? 29   LEU A CD1 1 
ATOM   85  C  CD2 . LEU A 1 29 ? 1.019   -0.543  4.758   1.00 164.42 ? 29   LEU A CD2 1 
ATOM   86  N  N   . LYS A 1 30 ? 1.446   2.762   9.063   1.00 158.65 ? 30   LYS A N   1 
ATOM   87  C  CA  . LYS A 1 30 ? 1.617   4.101   9.585   1.00 157.90 ? 30   LYS A CA  1 
ATOM   88  C  C   . LYS A 1 30 ? 3.105   4.314   9.785   1.00 158.32 ? 30   LYS A C   1 
ATOM   89  O  O   . LYS A 1 30 ? 3.650   5.350   9.405   1.00 157.65 ? 30   LYS A O   1 
ATOM   90  C  CB  . LYS A 1 30 ? 0.852   4.258   10.906  1.00 158.01 ? 30   LYS A CB  1 
ATOM   91  C  CG  . LYS A 1 30 ? 0.910   5.669   11.523  1.00 157.55 ? 30   LYS A CG  1 
ATOM   92  C  CD  . LYS A 1 30 ? 0.051   5.812   12.805  1.00 157.87 ? 30   LYS A CD  1 
ATOM   93  C  CE  . LYS A 1 30 ? 0.218   7.198   13.450  1.00 160.79 ? 30   LYS A CE  1 
ATOM   94  N  NZ  . LYS A 1 30 ? -0.588  7.359   14.687  1.00 158.80 ? 30   LYS A NZ  1 
ATOM   95  N  N   . ALA A 1 31 ? 3.763   3.310   10.351  1.00 157.76 ? 31   ALA A N   1 
ATOM   96  C  CA  . ALA A 1 31 ? 5.193   3.404   10.627  1.00 157.96 ? 31   ALA A CA  1 
ATOM   97  C  C   . ALA A 1 31 ? 6.046   3.515   9.371   1.00 159.22 ? 31   ALA A C   1 
ATOM   98  O  O   . ALA A 1 31 ? 7.138   4.096   9.393   1.00 159.43 ? 31   ALA A O   1 
ATOM   99  C  CB  . ALA A 1 31 ? 5.639   2.218   11.455  1.00 157.35 ? 31   ALA A CB  1 
ATOM   100 N  N   . ALA A 1 32 ? 5.548   2.955   8.275   1.00 159.64 ? 32   ALA A N   1 
ATOM   101 C  CA  . ALA A 1 32 ? 6.268   2.999   7.009   1.00 161.24 ? 32   ALA A CA  1 
ATOM   102 C  C   . ALA A 1 32 ? 6.004   4.325   6.319   1.00 162.10 ? 32   ALA A C   1 
ATOM   103 O  O   . ALA A 1 32 ? 6.593   4.605   5.278   1.00 163.98 ? 32   ALA A O   1 
ATOM   104 C  CB  . ALA A 1 32 ? 5.830   1.852   6.113   1.00 161.85 ? 32   ALA A CB  1 
ATOM   105 N  N   . GLY A 1 33 ? 5.109   5.124   6.906   1.00 162.29 ? 33   GLY A N   1 
ATOM   106 C  CA  . GLY A 1 33 ? 4.765   6.434   6.359   1.00 163.72 ? 33   GLY A CA  1 
ATOM   107 C  C   . GLY A 1 33 ? 3.924   6.476   5.085   1.00 164.55 ? 33   GLY A C   1 
ATOM   108 O  O   . GLY A 1 33 ? 3.985   7.449   4.330   1.00 164.93 ? 33   GLY A O   1 
ATOM   109 N  N   . VAL A 1 34 ? 3.133   5.435   4.838   1.00 164.05 ? 34   VAL A N   1 
ATOM   110 C  CA  . VAL A 1 34 ? 2.294   5.380   3.645   1.00 164.79 ? 34   VAL A CA  1 
ATOM   111 C  C   . VAL A 1 34 ? 0.800   5.543   3.931   1.00 165.94 ? 34   VAL A C   1 
ATOM   112 O  O   . VAL A 1 34 ? 0.054   5.987   3.071   1.00 166.27 ? 34   VAL A O   1 
ATOM   113 C  CB  . VAL A 1 34 ? 2.529   4.057   2.854   1.00 164.33 ? 34   VAL A CB  1 
ATOM   114 C  CG1 . VAL A 1 34 ? 3.952   4.009   2.338   1.00 164.89 ? 34   VAL A CG1 1 
ATOM   115 C  CG2 . VAL A 1 34 ? 2.241   2.835   3.739   1.00 164.86 ? 34   VAL A CG2 1 
ATOM   116 N  N   . LEU A 1 35 ? 0.369   5.197   5.139   1.00 166.85 ? 35   LEU A N   1 
ATOM   117 C  CA  . LEU A 1 35 ? -1.039  5.299   5.500   1.00 168.86 ? 35   LEU A CA  1 
ATOM   118 C  C   . LEU A 1 35 ? -1.366  6.592   6.233   1.00 172.00 ? 35   LEU A C   1 
ATOM   119 O  O   . LEU A 1 35 ? -0.691  6.950   7.196   1.00 172.03 ? 35   LEU A O   1 
ATOM   120 C  CB  . LEU A 1 35 ? -1.444  4.109   6.378   1.00 168.37 ? 35   LEU A CB  1 
ATOM   121 C  CG  . LEU A 1 35 ? -2.885  4.020   6.898   1.00 167.28 ? 35   LEU A CG  1 
ATOM   122 C  CD1 . LEU A 1 35 ? -3.847  3.873   5.746   1.00 166.07 ? 35   LEU A CD1 1 
ATOM   123 C  CD2 . LEU A 1 35 ? -3.027  2.826   7.820   1.00 167.89 ? 35   LEU A CD2 1 
ATOM   124 N  N   . GLU A 1 36 ? -2.399  7.292   5.763   1.00 175.06 ? 36   GLU A N   1 
ATOM   125 C  CA  . GLU A 1 36 ? -2.856  8.538   6.383   1.00 178.70 ? 36   GLU A CA  1 
ATOM   126 C  C   . GLU A 1 36 ? -4.378  8.608   6.449   1.00 180.16 ? 36   GLU A C   1 
ATOM   127 O  O   . GLU A 1 36 ? -5.077  7.714   5.974   1.00 180.16 ? 36   GLU A O   1 
ATOM   128 C  CB  . GLU A 1 36 ? -2.329  9.763   5.634   1.00 179.34 ? 36   GLU A CB  1 
ATOM   129 C  CG  . GLU A 1 36 ? -2.842  9.921   4.212   1.00 182.21 ? 36   GLU A CG  1 
ATOM   130 C  CD  . GLU A 1 36 ? -2.203  11.106  3.506   1.00 186.59 ? 36   GLU A CD  1 
ATOM   131 O  OE1 . GLU A 1 36 ? -1.023  11.402  3.795   1.00 188.79 ? 36   GLU A OE1 1 
ATOM   132 O  OE2 . GLU A 1 36 ? -2.865  11.736  2.655   1.00 188.12 ? 36   GLU A OE2 1 
ATOM   133 N  N   . GLU A 1 37 ? -4.882  9.699   7.013   1.00 181.76 ? 37   GLU A N   1 
ATOM   134 C  CA  . GLU A 1 37 ? -6.318  9.905   7.204   1.00 183.51 ? 37   GLU A CA  1 
ATOM   135 C  C   . GLU A 1 37 ? -7.135  10.249  5.946   1.00 183.92 ? 37   GLU A C   1 
ATOM   136 O  O   . GLU A 1 37 ? -6.675  11.003  5.082   1.00 183.97 ? 37   GLU A O   1 
ATOM   137 C  CB  . GLU A 1 37 ? -6.502  11.006  8.254   1.00 184.25 ? 37   GLU A CB  1 
ATOM   138 C  CG  . GLU A 1 37 ? -7.896  11.112  8.838   1.00 187.12 ? 37   GLU A CG  1 
ATOM   139 C  CD  . GLU A 1 37 ? -8.307  9.834   9.527   1.00 190.44 ? 37   GLU A CD  1 
ATOM   140 O  OE1 . GLU A 1 37 ? -7.413  9.202   10.105  1.00 192.04 ? 37   GLU A OE1 1 
ATOM   141 O  OE2 . GLU A 1 37 ? -9.501  9.470   9.499   1.00 191.89 ? 37   GLU A OE2 1 
ATOM   142 N  N   . GLY A 1 38 ? -8.344  9.689   5.860   1.00 184.03 ? 38   GLY A N   1 
ATOM   143 C  CA  . GLY A 1 38 ? -9.240  9.953   4.738   1.00 183.91 ? 38   GLY A CA  1 
ATOM   144 C  C   . GLY A 1 38 ? -8.680  9.565   3.388   1.00 183.60 ? 38   GLY A C   1 
ATOM   145 O  O   . GLY A 1 38 ? -9.065  10.104  2.348   1.00 183.56 ? 38   GLY A O   1 
ATOM   146 N  N   . GLN A 1 39 ? -7.774  8.601   3.419   1.00 182.94 ? 39   GLN A N   1 
ATOM   147 C  CA  . GLN A 1 39 ? -7.098  8.120   2.236   1.00 181.98 ? 39   GLN A CA  1 
ATOM   148 C  C   . GLN A 1 39 ? -7.941  7.115   1.468   1.00 181.59 ? 39   GLN A C   1 
ATOM   149 O  O   . GLN A 1 39 ? -8.612  6.272   2.064   1.00 181.31 ? 39   GLN A O   1 
ATOM   150 C  CB  . GLN A 1 39 ? -5.790  7.480   2.673   1.00 182.00 ? 39   GLN A CB  1 
ATOM   151 C  CG  . GLN A 1 39 ? -4.688  7.483   1.663   1.00 180.32 ? 39   GLN A CG  1 
ATOM   152 C  CD  . GLN A 1 39 ? -3.448  6.826   2.218   1.00 178.45 ? 39   GLN A CD  1 
ATOM   153 O  OE1 . GLN A 1 39 ? -3.528  5.992   3.114   1.00 174.79 ? 39   GLN A OE1 1 
ATOM   154 N  NE2 . GLN A 1 39 ? -2.297  7.190   1.686   1.00 176.78 ? 39   GLN A NE2 1 
ATOM   155 N  N   . TYR A 1 40 ? -7.905  7.226   0.141   1.00 181.02 ? 40   TYR A N   1 
ATOM   156 C  CA  . TYR A 1 40 ? -8.615  6.312   -0.756  1.00 180.66 ? 40   TYR A CA  1 
ATOM   157 C  C   . TYR A 1 40 ? -7.676  5.177   -1.104  1.00 179.39 ? 40   TYR A C   1 
ATOM   158 O  O   . TYR A 1 40 ? -6.457  5.330   -1.036  1.00 179.18 ? 40   TYR A O   1 
ATOM   159 C  CB  . TYR A 1 40 ? -9.008  6.993   -2.052  1.00 182.09 ? 40   TYR A CB  1 
ATOM   160 C  CG  . TYR A 1 40 ? -10.215 7.882   -1.915  1.00 183.63 ? 40   TYR A CG  1 
ATOM   161 C  CD1 . TYR A 1 40 ? -11.496 7.343   -1.786  1.00 184.39 ? 40   TYR A CD1 1 
ATOM   162 C  CD2 . TYR A 1 40 ? -10.081 9.268   -1.895  1.00 184.71 ? 40   TYR A CD2 1 
ATOM   163 C  CE1 . TYR A 1 40 ? -12.614 8.161   -1.642  1.00 185.06 ? 40   TYR A CE1 1 
ATOM   164 C  CE2 . TYR A 1 40 ? -11.188 10.100  -1.749  1.00 185.27 ? 40   TYR A CE2 1 
ATOM   165 C  CZ  . TYR A 1 40 ? -12.451 9.540   -1.622  1.00 184.90 ? 40   TYR A CZ  1 
ATOM   166 O  OH  . TYR A 1 40 ? -13.544 10.354  -1.454  1.00 184.53 ? 40   TYR A OH  1 
ATOM   167 N  N   . ASN A 1 41 ? -8.251  4.045   -1.495  1.00 177.22 ? 41   ASN A N   1 
ATOM   168 C  CA  . ASN A 1 41 ? -7.477  2.860   -1.839  1.00 175.68 ? 41   ASN A CA  1 
ATOM   169 C  C   . ASN A 1 41 ? -6.353  3.250   -2.783  1.00 175.30 ? 41   ASN A C   1 
ATOM   170 O  O   . ASN A 1 41 ? -5.177  2.977   -2.516  1.00 173.62 ? 41   ASN A O   1 
ATOM   171 C  CB  . ASN A 1 41 ? -8.397  1.792   -2.483  1.00 175.08 ? 41   ASN A CB  1 
ATOM   172 C  CG  . ASN A 1 41 ? -7.657  0.502   -2.857  1.00 173.19 ? 41   ASN A CG  1 
ATOM   173 O  OD1 . ASN A 1 41 ? -6.653  0.538   -3.549  1.00 171.32 ? 41   ASN A OD1 1 
ATOM   174 N  ND2 . ASN A 1 41 ? -8.166  -0.636  -2.410  1.00 169.41 ? 41   ASN A ND2 1 
ATOM   175 N  N   . ARG A 1 42 ? -6.713  3.930   -3.861  1.00 175.05 ? 42   ARG A N   1 
ATOM   176 C  CA  . ARG A 1 42 ? -5.733  4.307   -4.859  1.00 175.48 ? 42   ARG A CA  1 
ATOM   177 C  C   . ARG A 1 42 ? -4.570  5.104   -4.284  1.00 174.29 ? 42   ARG A C   1 
ATOM   178 O  O   . ARG A 1 42 ? -3.419  4.877   -4.656  1.00 174.35 ? 42   ARG A O   1 
ATOM   179 C  CB  . ARG A 1 42 ? -6.420  5.081   -5.987  1.00 175.38 ? 42   ARG A CB  1 
ATOM   180 C  CG  . ARG A 1 42 ? -5.600  5.211   -7.273  1.00 176.66 ? 42   ARG A CG  1 
ATOM   181 C  CD  . ARG A 1 42 ? -6.402  5.938   -8.359  1.00 177.48 ? 42   ARG A CD  1 
ATOM   182 N  NE  . ARG A 1 42 ? -7.482  5.114   -8.915  1.00 181.59 ? 42   ARG A NE  1 
ATOM   183 C  CZ  . ARG A 1 42 ? -8.786  5.409   -8.893  1.00 183.71 ? 42   ARG A CZ  1 
ATOM   184 N  NH1 . ARG A 1 42 ? -9.226  6.527   -8.333  1.00 184.33 ? 42   ARG A NH1 1 
ATOM   185 N  NH2 . ARG A 1 42 ? -9.667  4.578   -9.444  1.00 184.37 ? 42   ARG A NH2 1 
ATOM   186 N  N   . GLU A 1 43 ? -4.854  6.019   -3.364  1.00 173.30 ? 43   GLU A N   1 
ATOM   187 C  CA  . GLU A 1 43 ? -3.791  6.832   -2.786  1.00 172.48 ? 43   GLU A CA  1 
ATOM   188 C  C   . GLU A 1 43 ? -2.799  6.009   -1.983  1.00 170.08 ? 43   GLU A C   1 
ATOM   189 O  O   . GLU A 1 43 ? -1.591  6.229   -2.084  1.00 168.64 ? 43   GLU A O   1 
ATOM   190 C  CB  . GLU A 1 43 ? -4.377  7.937   -1.913  1.00 172.42 ? 43   GLU A CB  1 
ATOM   191 C  CG  . GLU A 1 43 ? -5.246  8.903   -2.690  1.00 174.45 ? 43   GLU A CG  1 
ATOM   192 C  CD  . GLU A 1 43 ? -5.752  10.064  -1.844  1.00 175.18 ? 43   GLU A CD  1 
ATOM   193 O  OE1 . GLU A 1 43 ? -6.171  9.818   -0.683  1.00 177.41 ? 43   GLU A OE1 1 
ATOM   194 O  OE2 . GLU A 1 43 ? -5.745  11.217  -2.347  1.00 178.68 ? 43   GLU A OE2 1 
ATOM   195 N  N   . LEU A 1 44 ? -3.307  5.060   -1.193  1.00 167.44 ? 44   LEU A N   1 
ATOM   196 C  CA  . LEU A 1 44 ? -2.450  4.195   -0.380  1.00 165.31 ? 44   LEU A CA  1 
ATOM   197 C  C   . LEU A 1 44 ? -1.581  3.347   -1.288  1.00 165.16 ? 44   LEU A C   1 
ATOM   198 O  O   . LEU A 1 44 ? -0.392  3.181   -1.046  1.00 163.90 ? 44   LEU A O   1 
ATOM   199 C  CB  . LEU A 1 44 ? -3.277  3.288   0.523   1.00 165.39 ? 44   LEU A CB  1 
ATOM   200 C  CG  . LEU A 1 44 ? -2.471  2.229   1.263   1.00 164.52 ? 44   LEU A CG  1 
ATOM   201 C  CD1 . LEU A 1 44 ? -1.355  2.859   2.091   1.00 163.97 ? 44   LEU A CD1 1 
ATOM   202 C  CD2 . LEU A 1 44 ? -3.409  1.457   2.146   1.00 163.53 ? 44   LEU A CD2 1 
ATOM   203 N  N   . ALA A 1 45 ? -2.175  2.809   -2.341  1.00 165.00 ? 45   ALA A N   1 
ATOM   204 C  CA  . ALA A 1 45 ? -1.411  2.004   -3.274  1.00 165.67 ? 45   ALA A CA  1 
ATOM   205 C  C   . ALA A 1 45 ? -0.274  2.839   -3.862  1.00 165.82 ? 45   ALA A C   1 
ATOM   206 O  O   . ALA A 1 45 ? 0.848   2.373   -3.975  1.00 165.37 ? 45   ALA A O   1 
ATOM   207 C  CB  . ALA A 1 45 ? -2.321  1.480   -4.388  1.00 165.89 ? 45   ALA A CB  1 
ATOM   208 N  N   . GLU A 1 46 ? -0.563  4.082   -4.220  1.00 166.03 ? 46   GLU A N   1 
ATOM   209 C  CA  . GLU A 1 46 ? 0.448   4.944   -4.804  1.00 166.22 ? 46   GLU A CA  1 
ATOM   210 C  C   . GLU A 1 46 ? 1.562   5.231   -3.843  1.00 165.09 ? 46   GLU A C   1 
ATOM   211 O  O   . GLU A 1 46 ? 2.716   5.243   -4.230  1.00 163.99 ? 46   GLU A O   1 
ATOM   212 C  CB  . GLU A 1 46 ? -0.162  6.262   -5.258  1.00 167.10 ? 46   GLU A CB  1 
ATOM   213 C  CG  . GLU A 1 46 ? -1.141  6.107   -6.397  1.00 170.89 ? 46   GLU A CG  1 
ATOM   214 C  CD  . GLU A 1 46 ? -1.570  7.433   -7.006  1.00 176.16 ? 46   GLU A CD  1 
ATOM   215 O  OE1 . GLU A 1 46 ? -1.910  8.354   -6.233  1.00 178.75 ? 46   GLU A OE1 1 
ATOM   216 O  OE2 . GLU A 1 46 ? -1.573  7.549   -8.254  1.00 178.33 ? 46   GLU A OE2 1 
ATOM   217 N  N   . ALA A 1 47 ? 1.219   5.467   -2.587  1.00 163.88 ? 47   ALA A N   1 
ATOM   218 C  CA  . ALA A 1 47 ? 2.225   5.770   -1.579  1.00 162.70 ? 47   ALA A CA  1 
ATOM   219 C  C   . ALA A 1 47 ? 3.135   4.584   -1.324  1.00 161.98 ? 47   ALA A C   1 
ATOM   220 O  O   . ALA A 1 47 ? 4.327   4.773   -1.110  1.00 161.86 ? 47   ALA A O   1 
ATOM   221 C  CB  . ALA A 1 47 ? 1.568   6.210   -0.281  1.00 162.57 ? 47   ALA A CB  1 
ATOM   222 N  N   . ILE A 1 48 ? 2.578   3.372   -1.337  1.00 161.21 ? 48   ILE A N   1 
ATOM   223 C  CA  . ILE A 1 48 ? 3.369   2.146   -1.127  1.00 160.91 ? 48   ILE A CA  1 
ATOM   224 C  C   . ILE A 1 48 ? 4.328   1.929   -2.303  1.00 160.70 ? 48   ILE A C   1 
ATOM   225 O  O   . ILE A 1 48 ? 5.502   1.633   -2.116  1.00 160.03 ? 48   ILE A O   1 
ATOM   226 C  CB  . ILE A 1 48 ? 2.468   0.878   -0.987  1.00 160.75 ? 48   ILE A CB  1 
ATOM   227 C  CG1 . ILE A 1 48 ? 1.667   0.942   0.310   1.00 160.09 ? 48   ILE A CG1 1 
ATOM   228 C  CG2 . ILE A 1 48 ? 3.322   -0.390  -1.014  1.00 161.32 ? 48   ILE A CG2 1 
ATOM   229 C  CD1 . ILE A 1 48 ? 0.646   -0.167  0.445   1.00 161.61 ? 48   ILE A CD1 1 
ATOM   230 N  N   . ALA A 1 49 ? 3.823   2.078   -3.518  1.00 161.30 ? 49   ALA A N   1 
ATOM   231 C  CA  . ALA A 1 49 ? 4.645   1.912   -4.706  1.00 161.24 ? 49   ALA A CA  1 
ATOM   232 C  C   . ALA A 1 49 ? 5.802   2.907   -4.715  1.00 161.44 ? 49   ALA A C   1 
ATOM   233 O  O   . ALA A 1 49 ? 6.905   2.552   -5.106  1.00 161.24 ? 49   ALA A O   1 
ATOM   234 C  CB  . ALA A 1 49 ? 3.798   2.099   -5.952  1.00 161.52 ? 49   ALA A CB  1 
ATOM   235 N  N   . ALA A 1 50 ? 5.544   4.151   -4.297  1.00 161.37 ? 50   ALA A N   1 
ATOM   236 C  CA  . ALA A 1 50 ? 6.578   5.200   -4.256  1.00 161.21 ? 50   ALA A CA  1 
ATOM   237 C  C   . ALA A 1 50 ? 7.701   4.821   -3.303  1.00 161.18 ? 50   ALA A C   1 
ATOM   238 O  O   . ALA A 1 50 ? 8.871   5.031   -3.616  1.00 160.29 ? 50   ALA A O   1 
ATOM   239 C  CB  . ALA A 1 50 ? 5.979   6.545   -3.827  1.00 161.21 ? 50   ALA A CB  1 
ATOM   240 N  N   . LYS A 1 51 ? 7.344   4.270   -2.142  1.00 160.75 ? 51   LYS A N   1 
ATOM   241 C  CA  . LYS A 1 51 ? 8.330   3.847   -1.143  1.00 161.47 ? 51   LYS A CA  1 
ATOM   242 C  C   . LYS A 1 51 ? 9.001   2.534   -1.518  1.00 160.59 ? 51   LYS A C   1 
ATOM   243 O  O   . LYS A 1 51 ? 10.019  2.159   -0.937  1.00 160.76 ? 51   LYS A O   1 
ATOM   244 C  CB  . LYS A 1 51 ? 7.680   3.698   0.229   1.00 162.49 ? 51   LYS A CB  1 
ATOM   245 C  CG  . LYS A 1 51 ? 7.137   4.999   0.802   1.00 166.83 ? 51   LYS A CG  1 
ATOM   246 C  CD  . LYS A 1 51 ? 8.245   6.041   1.010   1.00 172.47 ? 51   LYS A CD  1 
ATOM   247 C  CE  . LYS A 1 51 ? 7.732   7.347   1.649   1.00 176.02 ? 51   LYS A CE  1 
ATOM   248 N  NZ  . LYS A 1 51 ? 7.694   7.314   3.143   1.00 178.62 ? 51   LYS A NZ  1 
ATOM   249 N  N   . GLY A 1 52 ? 8.417   1.834   -2.487  1.00 161.14 ? 52   GLY A N   1 
ATOM   250 C  CA  . GLY A 1 52 ? 8.980   0.575   -2.960  1.00 161.85 ? 52   GLY A CA  1 
ATOM   251 C  C   . GLY A 1 52 ? 9.961   0.753   -4.121  1.00 162.64 ? 52   GLY A C   1 
ATOM   252 O  O   . GLY A 1 52 ? 10.699  -0.174  -4.485  1.00 162.72 ? 52   GLY A O   1 
ATOM   253 N  N   . GLU A 1 53 ? 9.959   1.948   -4.709  1.00 162.76 ? 53   GLU A N   1 
ATOM   254 C  CA  . GLU A 1 53 ? 10.855  2.258   -5.810  1.00 163.90 ? 53   GLU A CA  1 
ATOM   255 C  C   . GLU A 1 53 ? 12.285  2.296   -5.310  1.00 164.42 ? 53   GLU A C   1 
ATOM   256 O  O   . GLU A 1 53 ? 12.554  2.667   -4.171  1.00 164.94 ? 53   GLU A O   1 
ATOM   257 C  CB  . GLU A 1 53 ? 10.492  3.596   -6.435  1.00 164.57 ? 53   GLU A CB  1 
ATOM   258 C  CG  . GLU A 1 53 ? 9.256   3.529   -7.295  1.00 167.39 ? 53   GLU A CG  1 
ATOM   259 C  CD  . GLU A 1 53 ? 8.918   4.872   -7.898  1.00 172.97 ? 53   GLU A CD  1 
ATOM   260 O  OE1 . GLU A 1 53 ? 9.834   5.514   -8.456  1.00 176.14 ? 53   GLU A OE1 1 
ATOM   261 O  OE2 . GLU A 1 53 ? 7.743   5.294   -7.820  1.00 175.54 ? 53   GLU A OE2 1 
ATOM   262 N  N   . GLY A 1 54 ? 13.199  1.890   -6.179  1.00 163.92 ? 54   GLY A N   1 
ATOM   263 C  CA  . GLY A 1 54 ? 14.609  1.869   -5.843  1.00 163.11 ? 54   GLY A CA  1 
ATOM   264 C  C   . GLY A 1 54 ? 15.396  1.387   -7.043  1.00 162.36 ? 54   GLY A C   1 
ATOM   265 O  O   . GLY A 1 54 ? 14.880  1.354   -8.162  1.00 162.56 ? 54   GLY A O   1 
ATOM   266 N  N   . PHE A 1 55 ? 16.639  0.996   -6.818  1.00 161.77 ? 55   PHE A N   1 
ATOM   267 C  CA  . PHE A 1 55 ? 17.476  0.532   -7.908  1.00 161.75 ? 55   PHE A CA  1 
ATOM   268 C  C   . PHE A 1 55 ? 16.835  -0.485  -8.847  1.00 161.93 ? 55   PHE A C   1 
ATOM   269 O  O   . PHE A 1 55 ? 16.882  -0.318  -10.063 1.00 162.53 ? 55   PHE A O   1 
ATOM   270 C  CB  . PHE A 1 55 ? 18.770  -0.045  -7.341  1.00 161.58 ? 55   PHE A CB  1 
ATOM   271 C  CG  . PHE A 1 55 ? 19.650  0.982   -6.687  1.00 161.53 ? 55   PHE A CG  1 
ATOM   272 C  CD1 . PHE A 1 55 ? 20.486  1.795   -7.465  1.00 163.04 ? 55   PHE A CD1 1 
ATOM   273 C  CD2 . PHE A 1 55 ? 19.657  1.133   -5.293  1.00 160.91 ? 55   PHE A CD2 1 
ATOM   274 C  CE1 . PHE A 1 55 ? 21.321  2.750   -6.866  1.00 162.46 ? 55   PHE A CE1 1 
ATOM   275 C  CE2 . PHE A 1 55 ? 20.484  2.082   -4.680  1.00 161.97 ? 55   PHE A CE2 1 
ATOM   276 C  CZ  . PHE A 1 55 ? 21.320  2.889   -5.467  1.00 163.16 ? 55   PHE A CZ  1 
ATOM   277 N  N   . TRP A 1 56 ? 16.218  -1.524  -8.293  1.00 161.27 ? 56   TRP A N   1 
ATOM   278 C  CA  . TRP A 1 56 ? 15.635  -2.563  -9.134  1.00 161.89 ? 56   TRP A CA  1 
ATOM   279 C  C   . TRP A 1 56 ? 14.381  -2.211  -9.927  1.00 162.36 ? 56   TRP A C   1 
ATOM   280 O  O   . TRP A 1 56 ? 14.194  -2.701  -11.037 1.00 162.16 ? 56   TRP A O   1 
ATOM   281 C  CB  . TRP A 1 56 ? 15.420  -3.850  -8.316  1.00 161.76 ? 56   TRP A CB  1 
ATOM   282 C  CG  . TRP A 1 56 ? 16.715  -4.470  -7.847  1.00 160.12 ? 56   TRP A CG  1 
ATOM   283 C  CD1 . TRP A 1 56 ? 17.273  -4.377  -6.597  1.00 160.71 ? 56   TRP A CD1 1 
ATOM   284 C  CD2 . TRP A 1 56 ? 17.654  -5.196  -8.654  1.00 159.99 ? 56   TRP A CD2 1 
ATOM   285 N  NE1 . TRP A 1 56 ? 18.501  -5.000  -6.583  1.00 160.15 ? 56   TRP A NE1 1 
ATOM   286 C  CE2 . TRP A 1 56 ? 18.754  -5.512  -7.829  1.00 160.85 ? 56   TRP A CE2 1 
ATOM   287 C  CE3 . TRP A 1 56 ? 17.668  -5.615  -9.994  1.00 159.96 ? 56   TRP A CE3 1 
ATOM   288 C  CZ2 . TRP A 1 56 ? 19.859  -6.215  -8.306  1.00 160.43 ? 56   TRP A CZ2 1 
ATOM   289 C  CZ3 . TRP A 1 56 ? 18.770  -6.312  -10.467 1.00 160.19 ? 56   TRP A CZ3 1 
ATOM   290 C  CH2 . TRP A 1 56 ? 19.847  -6.610  -9.623  1.00 160.83 ? 56   TRP A CH2 1 
ATOM   291 N  N   . THR A 1 57 ? 13.524  -1.359  -9.385  1.00 163.24 ? 57   THR A N   1 
ATOM   292 C  CA  . THR A 1 57 ? 12.322  -0.989  -10.121 1.00 165.31 ? 57   THR A CA  1 
ATOM   293 C  C   . THR A 1 57 ? 12.680  -0.062  -11.279 1.00 166.72 ? 57   THR A C   1 
ATOM   294 O  O   . THR A 1 57 ? 12.039  -0.074  -12.322 1.00 168.50 ? 57   THR A O   1 
ATOM   295 C  CB  . THR A 1 57 ? 11.268  -0.278  -9.224  1.00 165.31 ? 57   THR A CB  1 
ATOM   296 O  OG1 . THR A 1 57 ? 11.834  0.909   -8.648  1.00 164.64 ? 57   THR A OG1 1 
ATOM   297 C  CG2 . THR A 1 57 ? 10.793  -1.214  -8.120  1.00 165.42 ? 57   THR A CG2 1 
ATOM   298 N  N   . THR A 1 58 ? 13.705  0.754   -11.103 1.00 166.83 ? 58   THR A N   1 
ATOM   299 C  CA  . THR A 1 58 ? 14.081  1.649   -12.172 1.00 168.78 ? 58   THR A CA  1 
ATOM   300 C  C   . THR A 1 58 ? 14.697  0.859   -13.329 1.00 167.46 ? 58   THR A C   1 
ATOM   301 O  O   . THR A 1 58 ? 14.366  1.095   -14.482 1.00 169.24 ? 58   THR A O   1 
ATOM   302 C  CB  . THR A 1 58 ? 15.097  2.709   -11.684 1.00 169.24 ? 58   THR A CB  1 
ATOM   303 O  OG1 . THR A 1 58 ? 16.280  2.062   -11.195 1.00 173.16 ? 58   THR A OG1 1 
ATOM   304 C  CG2 . THR A 1 58 ? 14.493  3.572   -10.577 1.00 169.88 ? 58   THR A CG2 1 
ATOM   305 N  N   . GLN A 1 59 ? 15.563  -0.100  -13.015 1.00 165.09 ? 59   GLN A N   1 
ATOM   306 C  CA  . GLN A 1 59 ? 16.272  -0.866  -14.038 1.00 163.97 ? 59   GLN A CA  1 
ATOM   307 C  C   . GLN A 1 59 ? 15.511  -1.944  -14.797 1.00 162.33 ? 59   GLN A C   1 
ATOM   308 O  O   . GLN A 1 59 ? 15.804  -2.192  -15.966 1.00 161.64 ? 59   GLN A O   1 
ATOM   309 C  CB  . GLN A 1 59 ? 17.544  -1.475  -13.423 1.00 164.46 ? 59   GLN A CB  1 
ATOM   310 C  CG  . GLN A 1 59 ? 18.488  -0.475  -12.732 1.00 166.65 ? 59   GLN A CG  1 
ATOM   311 C  CD  . GLN A 1 59 ? 19.134  0.523   -13.691 1.00 170.56 ? 59   GLN A CD  1 
ATOM   312 O  OE1 . GLN A 1 59 ? 19.499  0.178   -14.818 1.00 170.96 ? 59   GLN A OE1 1 
ATOM   313 N  NE2 . GLN A 1 59 ? 19.304  1.759   -13.233 1.00 172.93 ? 59   GLN A NE2 1 
ATOM   314 N  N   . PHE A 1 60 ? 14.529  -2.564  -14.150 1.00 161.41 ? 60   PHE A N   1 
ATOM   315 C  CA  . PHE A 1 60 ? 13.769  -3.664  -14.759 1.00 161.31 ? 60   PHE A CA  1 
ATOM   316 C  C   . PHE A 1 60 ? 12.247  -3.509  -14.724 1.00 160.69 ? 60   PHE A C   1 
ATOM   317 O  O   . PHE A 1 60 ? 11.639  -3.560  -13.658 1.00 160.05 ? 60   PHE A O   1 
ATOM   318 C  CB  . PHE A 1 60 ? 14.135  -4.970  -14.049 1.00 162.40 ? 60   PHE A CB  1 
ATOM   319 C  CG  . PHE A 1 60 ? 15.590  -5.347  -14.170 1.00 162.82 ? 60   PHE A CG  1 
ATOM   320 C  CD1 . PHE A 1 60 ? 16.015  -6.191  -15.199 1.00 163.37 ? 60   PHE A CD1 1 
ATOM   321 C  CD2 . PHE A 1 60 ? 16.531  -4.866  -13.254 1.00 164.46 ? 60   PHE A CD2 1 
ATOM   322 C  CE1 . PHE A 1 60 ? 17.348  -6.546  -15.321 1.00 165.18 ? 60   PHE A CE1 1 
ATOM   323 C  CE2 . PHE A 1 60 ? 17.865  -5.213  -13.368 1.00 165.74 ? 60   PHE A CE2 1 
ATOM   324 C  CZ  . PHE A 1 60 ? 18.274  -6.059  -14.401 1.00 165.31 ? 60   PHE A CZ  1 
ATOM   325 N  N   . PRO A 1 61 ? 11.613  -3.359  -15.895 1.00 159.88 ? 61   PRO A N   1 
ATOM   326 C  CA  . PRO A 1 61 ? 10.165  -3.201  -16.007 1.00 160.38 ? 61   PRO A CA  1 
ATOM   327 C  C   . PRO A 1 61 ? 9.396   -4.197  -15.174 1.00 161.02 ? 61   PRO A C   1 
ATOM   328 O  O   . PRO A 1 61 ? 8.427   -3.838  -14.517 1.00 160.70 ? 61   PRO A O   1 
ATOM   329 C  CB  . PRO A 1 61 ? 9.908   -3.410  -17.486 1.00 159.29 ? 61   PRO A CB  1 
ATOM   330 C  CG  . PRO A 1 61 ? 11.119  -2.879  -18.120 1.00 161.22 ? 61   PRO A CG  1 
ATOM   331 C  CD  . PRO A 1 61 ? 12.252  -3.321  -17.221 1.00 159.99 ? 61   PRO A CD  1 
ATOM   332 N  N   . GLN A 1 62 ? 9.821   -5.454  -15.202 1.00 161.49 ? 62   GLN A N   1 
ATOM   333 C  CA  . GLN A 1 62 ? 9.107   -6.477  -14.452 1.00 163.35 ? 62   GLN A CA  1 
ATOM   334 C  C   . GLN A 1 62 ? 9.105   -6.226  -12.944 1.00 162.62 ? 62   GLN A C   1 
ATOM   335 O  O   . GLN A 1 62 ? 8.143   -6.562  -12.250 1.00 162.20 ? 62   GLN A O   1 
ATOM   336 C  CB  . GLN A 1 62 ? 9.680   -7.863  -14.773 1.00 163.38 ? 62   GLN A CB  1 
ATOM   337 C  CG  . GLN A 1 62 ? 11.123  -8.086  -14.361 1.00 165.09 ? 62   GLN A CG  1 
ATOM   338 C  CD  . GLN A 1 62 ? 11.681  -9.363  -14.952 1.00 165.99 ? 62   GLN A CD  1 
ATOM   339 O  OE1 . GLN A 1 62 ? 12.804  -9.381  -15.466 1.00 168.37 ? 62   GLN A OE1 1 
ATOM   340 N  NE2 . GLN A 1 62 ? 10.896  -10.442 -14.891 1.00 167.10 ? 62   GLN A NE2 1 
ATOM   341 N  N   . ILE A 1 63 ? 10.177  -5.630  -12.435 1.00 162.36 ? 63   ILE A N   1 
ATOM   342 C  CA  . ILE A 1 63 ? 10.254  -5.346  -11.008 1.00 162.11 ? 63   ILE A CA  1 
ATOM   343 C  C   . ILE A 1 63 ? 9.365   -4.127  -10.723 1.00 162.24 ? 63   ILE A C   1 
ATOM   344 O  O   . ILE A 1 63 ? 8.657   -4.075  -9.722  1.00 162.02 ? 63   ILE A O   1 
ATOM   345 C  CB  . ILE A 1 63 ? 11.721  -5.097  -10.579 1.00 162.09 ? 63   ILE A CB  1 
ATOM   346 C  CG1 . ILE A 1 63 ? 12.586  -6.304  -10.974 1.00 162.76 ? 63   ILE A CG1 1 
ATOM   347 C  CG2 . ILE A 1 63 ? 11.808  -4.862  -9.089  1.00 161.52 ? 63   ILE A CG2 1 
ATOM   348 C  CD1 . ILE A 1 63 ? 12.091  -7.655  -10.486 1.00 165.52 ? 63   ILE A CD1 1 
ATOM   349 N  N   . GLY A 1 64 ? 9.383   -3.154  -11.622 1.00 162.23 ? 64   GLY A N   1 
ATOM   350 C  CA  . GLY A 1 64 ? 8.541   -1.987  -11.442 1.00 163.13 ? 64   GLY A CA  1 
ATOM   351 C  C   . GLY A 1 64 ? 7.094   -2.433  -11.417 1.00 164.04 ? 64   GLY A C   1 
ATOM   352 O  O   . GLY A 1 64 ? 6.294   -1.926  -10.646 1.00 163.87 ? 64   GLY A O   1 
ATOM   353 N  N   . ASP A 1 65 ? 6.747   -3.394  -12.262 1.00 164.77 ? 65   ASP A N   1 
ATOM   354 C  CA  . ASP A 1 65 ? 5.375   -3.870  -12.302 1.00 165.29 ? 65   ASP A CA  1 
ATOM   355 C  C   . ASP A 1 65 ? 5.047   -4.635  -11.038 1.00 165.33 ? 65   ASP A C   1 
ATOM   356 O  O   . ASP A 1 65 ? 3.956   -4.494  -10.509 1.00 165.13 ? 65   ASP A O   1 
ATOM   357 C  CB  . ASP A 1 65 ? 5.118   -4.739  -13.543 1.00 165.38 ? 65   ASP A CB  1 
ATOM   358 C  CG  . ASP A 1 65 ? 5.009   -3.909  -14.829 1.00 166.36 ? 65   ASP A CG  1 
ATOM   359 O  OD1 . ASP A 1 65 ? 4.913   -2.656  -14.730 1.00 166.96 ? 65   ASP A OD1 1 
ATOM   360 O  OD2 . ASP A 1 65 ? 5.008   -4.505  -15.938 1.00 166.73 ? 65   ASP A OD2 1 
ATOM   361 N  N   . TRP A 1 66 ? 5.991   -5.426  -10.540 1.00 165.13 ? 66   TRP A N   1 
ATOM   362 C  CA  . TRP A 1 66 ? 5.768   -6.186  -9.312  1.00 165.13 ? 66   TRP A CA  1 
ATOM   363 C  C   . TRP A 1 66 ? 5.502   -5.238  -8.149  1.00 164.93 ? 66   TRP A C   1 
ATOM   364 O  O   . TRP A 1 66 ? 4.622   -5.473  -7.324  1.00 163.86 ? 66   TRP A O   1 
ATOM   365 C  CB  . TRP A 1 66 ? 6.991   -7.048  -9.012  1.00 166.04 ? 66   TRP A CB  1 
ATOM   366 C  CG  . TRP A 1 66 ? 7.239   -7.303  -7.541  1.00 166.78 ? 66   TRP A CG  1 
ATOM   367 C  CD1 . TRP A 1 66 ? 6.716   -8.309  -6.778  1.00 168.19 ? 66   TRP A CD1 1 
ATOM   368 C  CD2 . TRP A 1 66 ? 8.117   -6.559  -6.673  1.00 168.01 ? 66   TRP A CD2 1 
ATOM   369 N  NE1 . TRP A 1 66 ? 7.221   -8.246  -5.497  1.00 167.68 ? 66   TRP A NE1 1 
ATOM   370 C  CE2 . TRP A 1 66 ? 8.085   -7.185  -5.408  1.00 167.87 ? 66   TRP A CE2 1 
ATOM   371 C  CE3 . TRP A 1 66 ? 8.939   -5.428  -6.848  1.00 168.07 ? 66   TRP A CE3 1 
ATOM   372 C  CZ2 . TRP A 1 66 ? 8.839   -6.714  -4.318  1.00 167.56 ? 66   TRP A CZ2 1 
ATOM   373 C  CZ3 . TRP A 1 66 ? 9.688   -4.958  -5.762  1.00 168.04 ? 66   TRP A CZ3 1 
ATOM   374 C  CH2 . TRP A 1 66 ? 9.634   -5.607  -4.517  1.00 167.67 ? 66   TRP A CH2 1 
ATOM   375 N  N   . ASN A 1 67 ? 6.280   -4.166  -8.084  1.00 163.93 ? 67   ASN A N   1 
ATOM   376 C  CA  . ASN A 1 67 ? 6.116   -3.180  -7.029  1.00 164.64 ? 67   ASN A CA  1 
ATOM   377 C  C   . ASN A 1 67 ? 4.693   -2.614  -7.075  1.00 165.36 ? 67   ASN A C   1 
ATOM   378 O  O   . ASN A 1 67 ? 4.026   -2.580  -6.052  1.00 164.69 ? 67   ASN A O   1 
ATOM   379 C  CB  . ASN A 1 67 ? 7.172   -2.066  -7.181  1.00 164.18 ? 67   ASN A CB  1 
ATOM   380 C  CG  . ASN A 1 67 ? 6.999   -0.926  -6.177  1.00 163.71 ? 67   ASN A CG  1 
ATOM   381 O  OD1 . ASN A 1 67 ? 6.748   -1.152  -5.003  1.00 162.56 ? 67   ASN A OD1 1 
ATOM   382 N  ND2 . ASN A 1 67 ? 7.152   0.308   -6.650  1.00 162.31 ? 67   ASN A ND2 1 
ATOM   383 N  N   . GLU A 1 68 ? 4.212   -2.202  -8.251  1.00 165.78 ? 68   GLU A N   1 
ATOM   384 C  CA  . GLU A 1 68 ? 2.865   -1.627  -8.360  1.00 166.70 ? 68   GLU A CA  1 
ATOM   385 C  C   . GLU A 1 68 ? 1.778   -2.631  -8.046  1.00 166.85 ? 68   GLU A C   1 
ATOM   386 O  O   . GLU A 1 68 ? 0.826   -2.298  -7.353  1.00 166.94 ? 68   GLU A O   1 
ATOM   387 C  CB  . GLU A 1 68 ? 2.645   -1.004  -9.748  1.00 167.06 ? 68   GLU A CB  1 
ATOM   388 C  CG  . GLU A 1 68 ? 3.427   0.283   -9.933  1.00 168.44 ? 68   GLU A CG  1 
ATOM   389 C  CD  . GLU A 1 68 ? 3.323   0.865   -11.320 1.00 171.11 ? 68   GLU A CD  1 
ATOM   390 O  OE1 . GLU A 1 68 ? 2.693   0.233   -12.188 1.00 170.95 ? 68   GLU A OE1 1 
ATOM   391 O  OE2 . GLU A 1 68 ? 3.885   1.961   -11.537 1.00 172.72 ? 68   GLU A OE2 1 
ATOM   392 N  N   . ASP A 1 69 ? 1.930   -3.862  -8.524  1.00 167.00 ? 69   ASP A N   1 
ATOM   393 C  CA  . ASP A 1 69 ? 0.933   -4.900  -8.268  1.00 167.66 ? 69   ASP A CA  1 
ATOM   394 C  C   . ASP A 1 69 ? 0.864   -5.285  -6.795  1.00 167.07 ? 69   ASP A C   1 
ATOM   395 O  O   . ASP A 1 69 ? -0.212  -5.496  -6.247  1.00 166.90 ? 69   ASP A O   1 
ATOM   396 C  CB  . ASP A 1 69 ? 1.212   -6.157  -9.098  1.00 168.17 ? 69   ASP A CB  1 
ATOM   397 C  CG  . ASP A 1 69 ? 0.943   -5.956  -10.578 1.00 170.57 ? 69   ASP A CG  1 
ATOM   398 O  OD1 . ASP A 1 69 ? 0.148   -5.057  -10.925 1.00 172.44 ? 69   ASP A OD1 1 
ATOM   399 O  OD2 . ASP A 1 69 ? 1.516   -6.712  -11.393 1.00 173.14 ? 69   ASP A OD2 1 
ATOM   400 N  N   . GLN A 1 70 ? 2.004   -5.388  -6.135  1.00 166.29 ? 70   GLN A N   1 
ATOM   401 C  CA  . GLN A 1 70 ? 1.956   -5.752  -4.736  1.00 166.49 ? 70   GLN A CA  1 
ATOM   402 C  C   . GLN A 1 70 ? 1.407   -4.591  -3.924  1.00 165.72 ? 70   GLN A C   1 
ATOM   403 O  O   . GLN A 1 70 ? 0.704   -4.791  -2.948  1.00 165.53 ? 70   GLN A O   1 
ATOM   404 C  CB  . GLN A 1 70 ? 3.345   -6.178  -4.254  1.00 167.29 ? 70   GLN A CB  1 
ATOM   405 C  CG  . GLN A 1 70 ? 3.824   -7.475  -4.880  1.00 170.38 ? 70   GLN A CG  1 
ATOM   406 C  CD  . GLN A 1 70 ? 2.786   -8.589  -4.754  1.00 174.49 ? 70   GLN A CD  1 
ATOM   407 O  OE1 . GLN A 1 70 ? 2.155   -8.745  -3.700  1.00 175.77 ? 70   GLN A OE1 1 
ATOM   408 N  NE2 . GLN A 1 70 ? 2.612   -9.377  -5.827  1.00 176.22 ? 70   GLN A NE2 1 
ATOM   409 N  N   . ALA A 1 71 ? 1.698   -3.370  -4.353  1.00 164.66 ? 71   ALA A N   1 
ATOM   410 C  CA  . ALA A 1 71 ? 1.220   -2.196  -3.646  1.00 164.44 ? 71   ALA A CA  1 
ATOM   411 C  C   . ALA A 1 71 ? -0.287  -2.186  -3.723  1.00 164.75 ? 71   ALA A C   1 
ATOM   412 O  O   . ALA A 1 71 ? -0.959  -1.981  -2.731  1.00 164.24 ? 71   ALA A O   1 
ATOM   413 C  CB  . ALA A 1 71 ? 1.798   -0.928  -4.271  1.00 164.28 ? 71   ALA A CB  1 
ATOM   414 N  N   . ALA A 1 72 ? -0.823  -2.424  -4.905  1.00 164.97 ? 72   ALA A N   1 
ATOM   415 C  CA  . ALA A 1 72 ? -2.265  -2.427  -5.065  1.00 164.99 ? 72   ALA A CA  1 
ATOM   416 C  C   . ALA A 1 72 ? -2.902  -3.527  -4.241  1.00 165.14 ? 72   ALA A C   1 
ATOM   417 O  O   . ALA A 1 72 ? -3.971  -3.332  -3.673  1.00 165.52 ? 72   ALA A O   1 
ATOM   418 C  CB  . ALA A 1 72 ? -2.628  -2.605  -6.518  1.00 165.33 ? 72   ALA A CB  1 
ATOM   419 N  N   . ALA A 1 73 ? -2.250  -4.684  -4.182  1.00 164.75 ? 73   ALA A N   1 
ATOM   420 C  CA  . ALA A 1 73 ? -2.784  -5.807  -3.423  1.00 164.97 ? 73   ALA A CA  1 
ATOM   421 C  C   . ALA A 1 73 ? -2.792  -5.495  -1.929  1.00 164.43 ? 73   ALA A C   1 
ATOM   422 O  O   . ALA A 1 73 ? -3.737  -5.847  -1.226  1.00 164.53 ? 73   ALA A O   1 
ATOM   423 C  CB  . ALA A 1 73 ? -1.968  -7.063  -3.697  1.00 164.96 ? 73   ALA A CB  1 
ATOM   424 N  N   . LEU A 1 74 ? -1.745  -4.825  -1.446  1.00 163.54 ? 74   LEU A N   1 
ATOM   425 C  CA  . LEU A 1 74 ? -1.641  -4.477  -0.029  1.00 162.69 ? 74   LEU A CA  1 
ATOM   426 C  C   . LEU A 1 74 ? -2.686  -3.437  0.355   1.00 163.05 ? 74   LEU A C   1 
ATOM   427 O  O   . LEU A 1 74 ? -3.287  -3.514  1.420   1.00 162.42 ? 74   LEU A O   1 
ATOM   428 C  CB  . LEU A 1 74 ? -0.237  -3.964  0.272   1.00 162.62 ? 74   LEU A CB  1 
ATOM   429 C  CG  . LEU A 1 74 ? 0.157   -3.800  1.727   1.00 162.07 ? 74   LEU A CG  1 
ATOM   430 C  CD1 . LEU A 1 74 ? -0.186  -5.045  2.521   1.00 162.06 ? 74   LEU A CD1 1 
ATOM   431 C  CD2 . LEU A 1 74 ? 1.636   -3.519  1.778   1.00 162.35 ? 74   LEU A CD2 1 
ATOM   432 N  N   . ALA A 1 75 ? -2.913  -2.472  -0.528  1.00 163.16 ? 75   ALA A N   1 
ATOM   433 C  CA  . ALA A 1 75 ? -3.903  -1.427  -0.282  1.00 163.23 ? 75   ALA A CA  1 
ATOM   434 C  C   . ALA A 1 75 ? -5.270  -2.077  -0.217  1.00 163.70 ? 75   ALA A C   1 
ATOM   435 O  O   . ALA A 1 75 ? -6.113  -1.668  0.566   1.00 163.71 ? 75   ALA A O   1 
ATOM   436 C  CB  . ALA A 1 75 ? -3.869  -0.381  -1.395  1.00 162.85 ? 75   ALA A CB  1 
ATOM   437 N  N   . ASP A 1 76 ? -5.479  -3.099  -1.044  1.00 164.69 ? 76   ASP A N   1 
ATOM   438 C  CA  . ASP A 1 76 ? -6.744  -3.828  -1.055  1.00 165.35 ? 76   ASP A CA  1 
ATOM   439 C  C   . ASP A 1 76 ? -6.954  -4.495  0.311   1.00 165.25 ? 76   ASP A C   1 
ATOM   440 O  O   . ASP A 1 76 ? -8.040  -4.445  0.883   1.00 165.01 ? 76   ASP A O   1 
ATOM   441 C  CB  . ASP A 1 76 ? -6.751  -4.908  -2.154  1.00 165.99 ? 76   ASP A CB  1 
ATOM   442 C  CG  . ASP A 1 76 ? -6.913  -4.333  -3.559  1.00 167.86 ? 76   ASP A CG  1 
ATOM   443 O  OD1 . ASP A 1 76 ? -7.297  -3.153  -3.691  1.00 168.53 ? 76   ASP A OD1 1 
ATOM   444 O  OD2 . ASP A 1 76 ? -6.661  -5.079  -4.531  1.00 170.59 ? 76   ASP A OD2 1 
ATOM   445 N  N   . ARG A 1 77 ? -5.911  -5.121  0.834   1.00 165.21 ? 77   ARG A N   1 
ATOM   446 C  CA  . ARG A 1 77 ? -6.034  -5.765  2.116   1.00 164.80 ? 77   ARG A CA  1 
ATOM   447 C  C   . ARG A 1 77 ? -6.288  -4.700  3.157   1.00 164.10 ? 77   ARG A C   1 
ATOM   448 O  O   . ARG A 1 77 ? -7.027  -4.930  4.095   1.00 163.40 ? 77   ARG A O   1 
ATOM   449 C  CB  . ARG A 1 77 ? -4.774  -6.558  2.421   1.00 165.16 ? 77   ARG A CB  1 
ATOM   450 C  CG  . ARG A 1 77 ? -4.517  -7.646  1.384   1.00 167.55 ? 77   ARG A CG  1 
ATOM   451 C  CD  . ARG A 1 77 ? -3.510  -8.668  1.854   1.00 172.03 ? 77   ARG A CD  1 
ATOM   452 N  NE  . ARG A 1 77 ? -2.099  -8.256  1.794   1.00 176.57 ? 77   ARG A NE  1 
ATOM   453 C  CZ  . ARG A 1 77 ? -1.300  -8.415  0.739   1.00 178.63 ? 77   ARG A CZ  1 
ATOM   454 N  NH1 . ARG A 1 77 ? -1.760  -8.983  -0.368  1.00 179.55 ? 77   ARG A NH1 1 
ATOM   455 N  NH2 . ARG A 1 77 ? -0.036  -8.008  0.794   1.00 178.98 ? 77   ARG A NH2 1 
ATOM   456 N  N   . ALA A 1 78 ? -5.698  -3.524  2.984   1.00 162.69 ? 78   ALA A N   1 
ATOM   457 C  CA  . ALA A 1 78 ? -5.916  -2.439  3.929   1.00 162.38 ? 78   ALA A CA  1 
ATOM   458 C  C   . ALA A 1 78 ? -7.386  -2.012  3.913   1.00 162.36 ? 78   ALA A C   1 
ATOM   459 O  O   . ALA A 1 78 ? -7.978  -1.760  4.966   1.00 162.24 ? 78   ALA A O   1 
ATOM   460 C  CB  . ALA A 1 78 ? -5.036  -1.268  3.582   1.00 162.56 ? 78   ALA A CB  1 
ATOM   461 N  N   . GLN A 1 79 ? -7.976  -1.934  2.720   1.00 162.37 ? 79   GLN A N   1 
ATOM   462 C  CA  . GLN A 1 79 ? -9.381  -1.540  2.584   1.00 162.37 ? 79   GLN A CA  1 
ATOM   463 C  C   . GLN A 1 79 ? -10.301 -2.557  3.262   1.00 162.45 ? 79   GLN A C   1 
ATOM   464 O  O   . GLN A 1 79 ? -11.255 -2.193  3.945   1.00 162.56 ? 79   GLN A O   1 
ATOM   465 C  CB  . GLN A 1 79 ? -9.758  -1.413  1.113   1.00 163.24 ? 79   GLN A CB  1 
ATOM   466 C  CG  . GLN A 1 79 ? -11.126 -0.839  0.905   1.00 163.57 ? 79   GLN A CG  1 
ATOM   467 C  CD  . GLN A 1 79 ? -11.509 -0.824  -0.550  1.00 165.75 ? 79   GLN A CD  1 
ATOM   468 O  OE1 . GLN A 1 79 ? -10.699 -0.469  -1.412  1.00 166.43 ? 79   GLN A OE1 1 
ATOM   469 N  NE2 . GLN A 1 79 ? -12.754 -1.197  -0.840  1.00 165.78 ? 79   GLN A NE2 1 
ATOM   470 N  N   . THR A 1 80 ? -10.005 -3.837  3.069   1.00 161.92 ? 80   THR A N   1 
ATOM   471 C  CA  . THR A 1 80 ? -10.782 -4.903  3.689   1.00 162.54 ? 80   THR A CA  1 
ATOM   472 C  C   . THR A 1 80 ? -10.698 -4.750  5.209   1.00 161.92 ? 80   THR A C   1 
ATOM   473 O  O   . THR A 1 80 ? -11.650 -5.048  5.926   1.00 161.17 ? 80   THR A O   1 
ATOM   474 C  CB  . THR A 1 80 ? -10.241 -6.292  3.272   1.00 163.17 ? 80   THR A CB  1 
ATOM   475 O  OG1 . THR A 1 80 ? -10.279 -6.406  1.842   1.00 164.02 ? 80   THR A OG1 1 
ATOM   476 C  CG2 . THR A 1 80 ? -11.075 -7.408  3.896   1.00 164.39 ? 80   THR A CG2 1 
ATOM   477 N  N   . CYS A 1 81 ? -9.551  -4.278  5.689   1.00 160.39 ? 81   CYS A N   1 
ATOM   478 C  CA  . CYS A 1 81 ? -9.330  -4.058  7.111   1.00 161.43 ? 81   CYS A CA  1 
ATOM   479 C  C   . CYS A 1 81 ? -9.933  -2.729  7.536   1.00 161.83 ? 81   CYS A C   1 
ATOM   480 O  O   . CYS A 1 81 ? -9.745  -2.297  8.665   1.00 161.67 ? 81   CYS A O   1 
ATOM   481 C  CB  . CYS A 1 81 ? -7.843  -4.036  7.432   1.00 160.63 ? 81   CYS A CB  1 
ATOM   482 S  SG  . CYS A 1 81 ? -7.078  -5.655  7.754   1.00 162.01 ? 81   CYS A SG  1 
ATOM   483 N  N   . GLY A 1 82 ? -10.646 -2.078  6.624   1.00 161.97 ? 82   GLY A N   1 
ATOM   484 C  CA  . GLY A 1 82 ? -11.286 -0.811  6.935   1.00 162.93 ? 82   GLY A CA  1 
ATOM   485 C  C   . GLY A 1 82 ? -10.349 0.339   7.227   1.00 164.01 ? 82   GLY A C   1 
ATOM   486 O  O   . GLY A 1 82 ? -10.709 1.254   7.961   1.00 164.26 ? 82   GLY A O   1 
ATOM   487 N  N   . LEU A 1 83 ? -9.159  0.309   6.637   1.00 163.89 ? 83   LEU A N   1 
ATOM   488 C  CA  . LEU A 1 83 ? -8.160  1.350   6.853   1.00 165.26 ? 83   LEU A CA  1 
ATOM   489 C  C   . LEU A 1 83 ? -8.173  2.478   5.827   1.00 166.46 ? 83   LEU A C   1 
ATOM   490 O  O   . LEU A 1 83 ? -7.627  3.546   6.088   1.00 167.06 ? 83   LEU A O   1 
ATOM   491 C  CB  . LEU A 1 83 ? -6.766  0.723   6.895   1.00 165.09 ? 83   LEU A CB  1 
ATOM   492 C  CG  . LEU A 1 83 ? -6.635  -0.515  7.787   1.00 164.30 ? 83   LEU A CG  1 
ATOM   493 C  CD1 . LEU A 1 83 ? -5.194  -1.025  7.779   1.00 163.61 ? 83   LEU A CD1 1 
ATOM   494 C  CD2 . LEU A 1 83 ? -7.080  -0.161  9.196   1.00 165.42 ? 83   LEU A CD2 1 
ATOM   495 N  N   . VAL A 1 84 ? -8.772  2.232   4.662   1.00 167.45 ? 84   VAL A N   1 
ATOM   496 C  CA  . VAL A 1 84 ? -8.875  3.233   3.592   1.00 168.74 ? 84   VAL A CA  1 
ATOM   497 C  C   . VAL A 1 84 ? -10.237 3.144   2.892   1.00 170.91 ? 84   VAL A C   1 
ATOM   498 O  O   . VAL A 1 84 ? -10.902 2.113   2.940   1.00 169.94 ? 84   VAL A O   1 
ATOM   499 C  CB  . VAL A 1 84 ? -7.773  3.056   2.545   1.00 168.12 ? 84   VAL A CB  1 
ATOM   500 C  CG1 . VAL A 1 84 ? -6.427  3.331   3.157   1.00 166.99 ? 84   VAL A CG1 1 
ATOM   501 C  CG2 . VAL A 1 84 ? -7.818  1.655   1.996   1.00 166.62 ? 84   VAL A CG2 1 
ATOM   502 N  N   . LYS A 1 85 ? -10.646 4.225   2.240   1.00 173.51 ? 85   LYS A N   1 
ATOM   503 C  CA  . LYS A 1 85 ? -11.934 4.265   1.554   1.00 176.45 ? 85   LYS A CA  1 
ATOM   504 C  C   . LYS A 1 85 ? -11.872 3.622   0.174   1.00 176.97 ? 85   LYS A C   1 
ATOM   505 O  O   . LYS A 1 85 ? -10.860 3.709   -0.515  1.00 176.71 ? 85   LYS A O   1 
ATOM   506 C  CB  . LYS A 1 85 ? -12.398 5.712   1.378   1.00 176.50 ? 85   LYS A CB  1 
ATOM   507 C  CG  . LYS A 1 85 ? -12.511 6.514   2.658   1.00 177.46 ? 85   LYS A CG  1 
ATOM   508 C  CD  . LYS A 1 85 ? -13.140 7.909   2.412   1.00 178.65 ? 85   LYS A CD  1 
ATOM   509 C  CE  . LYS A 1 85 ? -12.173 8.930   1.791   1.00 181.14 ? 85   LYS A CE  1 
ATOM   510 N  NZ  . LYS A 1 85 ? -12.801 10.282  1.613   1.00 183.19 ? 85   LYS A NZ  1 
ATOM   511 N  N   . ALA A 1 86 ? -12.967 2.991   -0.236  1.00 177.42 ? 86   ALA A N   1 
ATOM   512 C  CA  . ALA A 1 86 ? -13.043 2.360   -1.552  1.00 177.29 ? 86   ALA A CA  1 
ATOM   513 C  C   . ALA A 1 86 ? -12.934 3.421   -2.631  1.00 176.69 ? 86   ALA A C   1 
ATOM   514 O  O   . ALA A 1 86 ? -13.401 4.548   -2.458  1.00 177.11 ? 86   ALA A O   1 
ATOM   515 C  CB  . ALA A 1 86 ? -14.370 1.611   -1.705  1.00 177.98 ? 86   ALA A CB  1 
ATOM   516 N  N   . ASP A 1 87 ? -12.314 3.055   -3.746  1.00 175.25 ? 87   ASP A N   1 
ATOM   517 C  CA  . ASP A 1 87 ? -12.200 3.981   -4.861  1.00 173.79 ? 87   ASP A CA  1 
ATOM   518 C  C   . ASP A 1 87 ? -13.623 4.163   -5.432  1.00 173.29 ? 87   ASP A C   1 
ATOM   519 O  O   . ASP A 1 87 ? -14.413 3.202   -5.500  1.00 173.15 ? 87   ASP A O   1 
ATOM   520 C  CB  . ASP A 1 87 ? -11.266 3.433   -5.960  1.00 173.51 ? 87   ASP A CB  1 
ATOM   521 C  CG  . ASP A 1 87 ? -9.807  3.370   -5.535  1.00 173.95 ? 87   ASP A CG  1 
ATOM   522 O  OD1 . ASP A 1 87 ? -9.363  4.176   -4.688  1.00 172.19 ? 87   ASP A OD1 1 
ATOM   523 O  OD2 . ASP A 1 87 ? -9.094  2.510   -6.083  1.00 175.02 ? 87   ASP A OD2 1 
ATOM   524 N  N   . THR A 1 88 ? -13.948 5.396   -5.827  1.00 172.69 ? 88   THR A N   1 
ATOM   525 C  CA  . THR A 1 88 ? -15.257 5.708   -6.400  1.00 172.41 ? 88   THR A CA  1 
ATOM   526 C  C   . THR A 1 88 ? -15.120 6.302   -7.807  1.00 172.25 ? 88   THR A C   1 
ATOM   527 O  O   . THR A 1 88 ? -13.975 6.456   -8.296  1.00 172.12 ? 88   THR A O   1 
ATOM   528 C  CB  . THR A 1 88 ? -16.032 6.724   -5.529  1.00 172.43 ? 88   THR A CB  1 
ATOM   529 O  OG1 . THR A 1 88 ? -15.298 7.956   -5.471  1.00 173.18 ? 88   THR A OG1 1 
ATOM   530 C  CG2 . THR A 1 88 ? -16.240 6.181   -4.111  1.00 172.12 ? 88   THR A CG2 1 
ATOM   531 N  N   . TYR A 1 89 ? -16.177 6.607   -8.403  1.00 166.54 ? 89   TYR A N   1 
HETATM 532 AS AS  . CAC B 2 .  ? -11.216 -3.010  -5.468  0.50 137.25 ? 1090 CAC A AS  1 
HETATM 533 O  O1  . CAC B 2 .  ? -9.639  -2.888  -4.746  0.50 137.25 ? 1090 CAC A O1  1 
HETATM 534 O  O2  . CAC B 2 .  ? -11.161 -2.381  -7.089  0.50 137.25 ? 1090 CAC A O2  1 
HETATM 535 C  C1  . CAC B 2 .  ? -11.771 -4.890  -5.516  0.50 137.25 ? 1090 CAC A C1  1 
HETATM 536 C  C2  . CAC B 2 .  ? -12.503 -1.976  -4.410  0.50 137.25 ? 1090 CAC A C2  1 
HETATM 537 AS AS  . CAC C 2 .  ? -8.909  5.294   10.666  1.00 137.25 ? 1091 CAC A AS  1 
HETATM 538 O  O1  . CAC C 2 .  ? -8.041  6.484   9.741   1.00 137.25 ? 1091 CAC A O1  1 
HETATM 539 O  O2  . CAC C 2 .  ? -8.338  5.309   12.310  1.00 137.25 ? 1091 CAC A O2  1 
HETATM 540 C  C1  . CAC C 2 .  ? -10.825 5.714   10.638  1.00 137.25 ? 1091 CAC A C1  1 
HETATM 541 C  C2  . CAC C 2 .  ? -8.618  3.518   9.888   1.00 137.25 ? 1091 CAC A C2  1 
HETATM 542 AS AS  . CAC D 2 .  ? -7.113  -1.507  -7.401  0.50 137.25 ? 1092 CAC A AS  1 
HETATM 543 O  O1  . CAC D 2 .  ? -7.219  -2.533  -5.999  0.50 137.25 ? 1092 CAC A O1  1 
HETATM 544 O  O2  . CAC D 2 .  ? -8.716  -1.140  -7.970  0.50 137.25 ? 1092 CAC A O2  1 
HETATM 545 C  C1  . CAC D 2 .  ? -6.190  0.157   -6.925  0.50 137.25 ? 1092 CAC A C1  1 
HETATM 546 C  C2  . CAC D 2 .  ? -6.113  -2.430  -8.812  0.50 137.25 ? 1092 CAC A C2  1 
HETATM 547 ZN ZN  . ZN  E 3 .  ? -8.042  -4.539  -5.894  1.00 123.48 ? 1093 ZN  A ZN  1 
HETATM 548 ZN ZN  . ZN  F 3 .  ? -6.290  4.668   12.638  0.50 123.48 ? 1094 ZN  A ZN  1 
HETATM 549 ZN ZN  . ZN  G 3 .  ? -8.016  7.951   11.642  0.50 123.48 ? 1095 ZN  A ZN  1 
HETATM 550 ZN ZN  . ZN  H 3 .  ? -3.284  10.312  -8.297  1.00 123.48 ? 1096 ZN  A ZN  1 
HETATM 551 ZN ZN  . ZN  I 3 .  ? 13.224  -9.437  -17.717 1.00 123.48 ? 1097 ZN  A ZN  1 
HETATM 552 ZN ZN  . ZN  J 3 .  ? 4.900   4.328   -10.978 1.00 123.48 ? 1098 ZN  A ZN  1 
# 
